data_1HFW
#
_entry.id   1HFW
#
_cell.length_a   108.470
_cell.length_b   91.700
_cell.length_c   130.620
_cell.angle_alpha   90.00
_cell.angle_beta   91.94
_cell.angle_gamma   90.00
#
_symmetry.space_group_name_H-M   'C 1 2 1'
#
loop_
_entity.id
_entity.type
_entity.pdbx_description
1 polymer L-ASPARAGINASE
2 non-polymer 'GLUTAMIC ACID'
3 water water
#
_entity_poly.entity_id   1
_entity_poly.type   'polypeptide(L)'
_entity_poly.pdbx_seq_one_letter_code
;ADKLPNIVILATGGTIAGSAATGTQTTGYKAGALGVDTLINAVPEVKKLANVKGEQFSNMASENMTGDVVLKLSQRVNEL
LARDDVDGVVITHGTDTVEESAYFLHLTVKSDKPVVFVAAMRPATAISADGPMNLLEAVRVAGDKQSRGRGVMVVINDRI
GSARYITKTNASTLDTFRANEEGYLGVIIGNRIYYQNRIDKLHTTRSVFDVRGLTSLPKVDILYGYQDDPEYLYDAAIQH
GVKGIVYAGMGAGSVSVRGIAGMRKALEKGVVVMRSTRTGNGIVPPDEELPGLVSDSLNPAHARILLMLALTRTSDPKVI
QEYFHTY
;
_entity_poly.pdbx_strand_id   A,B,C,D
#
# COMPACT_ATOMS: atom_id res chain seq x y z
N LYS A 3 22.12 -5.88 34.80
CA LYS A 3 21.58 -4.57 34.34
C LYS A 3 21.51 -4.55 32.81
N LEU A 4 22.32 -3.70 32.19
CA LEU A 4 22.33 -3.59 30.72
C LEU A 4 22.88 -4.83 30.00
N PRO A 5 22.27 -5.18 28.86
CA PRO A 5 22.69 -6.34 28.08
C PRO A 5 23.94 -6.00 27.25
N ASN A 6 24.70 -7.03 26.87
CA ASN A 6 25.90 -6.83 26.08
C ASN A 6 25.62 -7.03 24.59
N ILE A 7 25.81 -5.98 23.81
CA ILE A 7 25.54 -6.04 22.38
C ILE A 7 26.79 -5.76 21.55
N VAL A 8 27.05 -6.61 20.56
CA VAL A 8 28.17 -6.41 19.67
C VAL A 8 27.63 -5.79 18.38
N ILE A 9 28.28 -4.72 17.90
CA ILE A 9 27.88 -4.07 16.67
C ILE A 9 28.93 -4.45 15.63
N LEU A 10 28.52 -5.28 14.69
CA LEU A 10 29.42 -5.78 13.64
C LEU A 10 29.19 -5.01 12.32
N ALA A 11 30.14 -4.15 11.97
CA ALA A 11 30.02 -3.35 10.75
C ALA A 11 30.56 -4.05 9.50
N THR A 12 29.85 -3.89 8.39
CA THR A 12 30.25 -4.49 7.12
C THR A 12 30.37 -3.46 6.00
N GLY A 13 29.76 -2.29 6.20
CA GLY A 13 29.81 -1.24 5.20
C GLY A 13 28.50 -0.45 5.15
N GLY A 14 28.19 0.14 4.01
CA GLY A 14 26.97 0.91 3.88
C GLY A 14 27.19 2.37 4.21
N THR A 15 26.29 3.23 3.74
CA THR A 15 26.39 4.66 3.99
C THR A 15 25.97 5.09 5.39
N ILE A 16 25.56 4.12 6.22
CA ILE A 16 25.14 4.42 7.58
C ILE A 16 26.31 4.71 8.52
N ALA A 17 27.26 3.77 8.57
CA ALA A 17 28.42 3.92 9.44
C ALA A 17 29.63 4.39 8.64
N VAL A 36 33.24 2.28 12.46
CA VAL A 36 32.18 1.80 13.39
C VAL A 36 32.23 2.60 14.69
N ASP A 37 33.44 2.92 15.13
CA ASP A 37 33.63 3.71 16.36
C ASP A 37 32.94 5.06 16.24
N THR A 38 33.24 5.77 15.16
CA THR A 38 32.63 7.07 14.91
C THR A 38 31.13 6.93 15.02
N LEU A 39 30.57 6.00 14.28
CA LEU A 39 29.13 5.76 14.29
C LEU A 39 28.65 5.73 15.74
N ILE A 40 29.24 4.84 16.55
CA ILE A 40 28.86 4.72 17.95
C ILE A 40 29.03 6.03 18.70
N ASN A 41 30.10 6.77 18.42
CA ASN A 41 30.33 8.05 19.10
C ASN A 41 29.40 9.14 18.60
N ALA A 42 28.62 8.83 17.56
CA ALA A 42 27.69 9.80 16.99
C ALA A 42 26.37 9.80 17.77
N VAL A 43 26.00 8.64 18.29
CA VAL A 43 24.76 8.52 19.07
C VAL A 43 25.04 7.84 20.41
N PRO A 44 25.74 8.54 21.31
CA PRO A 44 26.08 8.02 22.64
C PRO A 44 24.91 7.54 23.48
N GLU A 45 23.70 7.96 23.12
CA GLU A 45 22.52 7.53 23.88
C GLU A 45 22.40 6.02 23.92
N VAL A 46 23.04 5.34 22.96
CA VAL A 46 23.00 3.89 22.92
C VAL A 46 23.64 3.29 24.17
N LYS A 47 24.58 4.03 24.75
CA LYS A 47 25.26 3.58 25.96
C LYS A 47 24.28 3.49 27.12
N LYS A 48 23.15 4.16 26.99
CA LYS A 48 22.13 4.15 28.03
C LYS A 48 21.23 2.93 27.85
N LEU A 49 21.28 2.34 26.66
CA LEU A 49 20.46 1.17 26.35
C LEU A 49 21.20 -0.15 26.58
N ALA A 50 22.52 -0.15 26.41
CA ALA A 50 23.30 -1.37 26.59
C ALA A 50 24.81 -1.15 26.57
N ASN A 51 25.55 -2.21 26.88
CA ASN A 51 27.00 -2.18 26.87
C ASN A 51 27.45 -2.63 25.49
N VAL A 52 27.80 -1.68 24.64
CA VAL A 52 28.19 -2.00 23.27
C VAL A 52 29.69 -2.03 22.98
N LYS A 53 30.06 -2.89 22.05
CA LYS A 53 31.43 -3.05 21.60
C LYS A 53 31.37 -3.27 20.09
N GLY A 54 32.12 -2.45 19.34
CA GLY A 54 32.10 -2.57 17.90
C GLY A 54 33.23 -3.36 17.27
N GLU A 55 32.91 -4.06 16.18
CA GLU A 55 33.89 -4.85 15.46
C GLU A 55 33.76 -4.59 13.97
N GLN A 56 34.86 -4.26 13.30
CA GLN A 56 34.86 -3.99 11.87
C GLN A 56 35.10 -5.27 11.09
N PHE A 57 34.03 -5.81 10.48
CA PHE A 57 34.12 -7.04 9.70
C PHE A 57 34.61 -6.75 8.29
N SER A 58 34.11 -5.66 7.71
CA SER A 58 34.48 -5.24 6.36
C SER A 58 34.00 -3.82 6.14
N ASN A 59 34.24 -3.30 4.94
CA ASN A 59 33.82 -1.94 4.64
C ASN A 59 33.61 -1.79 3.14
N MET A 60 32.45 -2.26 2.67
CA MET A 60 32.12 -2.18 1.25
C MET A 60 30.66 -1.93 0.99
N ALA A 61 30.37 -1.31 -0.15
CA ALA A 61 29.01 -1.02 -0.58
C ALA A 61 28.38 -2.39 -0.75
N SER A 62 27.11 -2.55 -0.37
CA SER A 62 26.46 -3.85 -0.45
C SER A 62 26.36 -4.46 -1.85
N GLU A 63 26.43 -3.63 -2.90
CA GLU A 63 26.37 -4.18 -4.25
C GLU A 63 27.57 -5.07 -4.56
N ASN A 64 28.62 -4.97 -3.73
CA ASN A 64 29.82 -5.79 -3.92
C ASN A 64 29.94 -6.95 -2.92
N MET A 65 28.88 -7.22 -2.17
CA MET A 65 28.88 -8.33 -1.22
C MET A 65 28.86 -9.63 -2.02
N THR A 66 29.65 -10.60 -1.62
CA THR A 66 29.70 -11.87 -2.33
C THR A 66 29.38 -13.05 -1.41
N GLY A 67 28.98 -14.17 -2.00
CA GLY A 67 28.63 -15.35 -1.22
C GLY A 67 29.70 -15.79 -0.24
N ASP A 68 30.97 -15.75 -0.65
CA ASP A 68 32.05 -16.17 0.24
C ASP A 68 32.22 -15.26 1.45
N VAL A 69 31.91 -13.97 1.30
CA VAL A 69 32.02 -13.02 2.40
C VAL A 69 30.83 -13.21 3.35
N VAL A 70 29.65 -13.40 2.78
CA VAL A 70 28.43 -13.62 3.57
C VAL A 70 28.62 -14.90 4.40
N LEU A 71 29.23 -15.90 3.77
CA LEU A 71 29.49 -17.19 4.43
C LEU A 71 30.37 -16.99 5.67
N LYS A 72 31.39 -16.15 5.54
CA LYS A 72 32.30 -15.85 6.64
C LYS A 72 31.57 -15.08 7.73
N LEU A 73 30.67 -14.20 7.31
CA LEU A 73 29.89 -13.40 8.24
C LEU A 73 29.03 -14.32 9.10
N SER A 74 28.31 -15.23 8.44
CA SER A 74 27.47 -16.18 9.17
C SER A 74 28.28 -16.95 10.20
N GLN A 75 29.46 -17.41 9.81
CA GLN A 75 30.33 -18.16 10.71
C GLN A 75 30.77 -17.32 11.90
N ARG A 76 31.11 -16.06 11.66
CA ARG A 76 31.55 -15.16 12.72
C ARG A 76 30.42 -14.86 13.71
N VAL A 77 29.19 -14.75 13.19
CA VAL A 77 28.06 -14.47 14.06
C VAL A 77 27.75 -15.68 14.93
N ASN A 78 27.85 -16.88 14.37
CA ASN A 78 27.61 -18.09 15.16
C ASN A 78 28.63 -18.19 16.30
N GLU A 79 29.86 -17.75 16.02
CA GLU A 79 30.92 -17.78 17.02
C GLU A 79 30.58 -16.86 18.19
N LEU A 80 30.21 -15.62 17.86
CA LEU A 80 29.85 -14.63 18.87
C LEU A 80 28.64 -15.02 19.71
N LEU A 81 27.60 -15.52 19.06
CA LEU A 81 26.38 -15.92 19.77
C LEU A 81 26.58 -17.12 20.68
N ALA A 82 27.67 -17.84 20.49
CA ALA A 82 27.95 -19.00 21.33
C ALA A 82 28.48 -18.55 22.69
N ARG A 83 29.04 -17.33 22.72
CA ARG A 83 29.60 -16.77 23.94
C ARG A 83 28.50 -16.44 24.96
N ASP A 84 28.80 -16.68 26.24
CA ASP A 84 27.85 -16.40 27.32
C ASP A 84 27.81 -14.91 27.63
N ASP A 85 28.82 -14.19 27.17
CA ASP A 85 28.91 -12.76 27.42
C ASP A 85 28.37 -11.91 26.28
N VAL A 86 27.56 -12.54 25.40
CA VAL A 86 26.97 -11.83 24.27
C VAL A 86 25.46 -12.09 24.26
N ASP A 87 24.69 -11.02 24.39
CA ASP A 87 23.23 -11.11 24.40
C ASP A 87 22.58 -10.99 23.02
N GLY A 88 23.17 -10.16 22.17
CA GLY A 88 22.62 -9.97 20.84
C GLY A 88 23.61 -9.32 19.89
N VAL A 89 23.27 -9.29 18.61
CA VAL A 89 24.15 -8.70 17.62
C VAL A 89 23.44 -7.76 16.65
N VAL A 90 24.06 -6.62 16.38
CA VAL A 90 23.52 -5.66 15.42
C VAL A 90 24.54 -5.58 14.30
N ILE A 91 24.05 -5.66 13.06
CA ILE A 91 24.90 -5.63 11.88
C ILE A 91 24.57 -4.48 10.94
N THR A 92 25.53 -3.57 10.74
CA THR A 92 25.33 -2.44 9.84
C THR A 92 25.62 -2.98 8.44
N HIS A 93 24.80 -2.61 7.47
CA HIS A 93 24.96 -3.13 6.10
C HIS A 93 24.38 -2.12 5.12
N GLY A 94 24.76 -2.22 3.85
CA GLY A 94 24.21 -1.33 2.85
C GLY A 94 22.80 -1.81 2.55
N THR A 95 21.91 -0.91 2.12
CA THR A 95 20.53 -1.28 1.85
C THR A 95 20.30 -2.12 0.59
N ASP A 96 21.09 -1.88 -0.45
CA ASP A 96 20.89 -2.58 -1.72
C ASP A 96 20.79 -4.12 -1.68
N THR A 97 21.64 -4.80 -0.94
CA THR A 97 21.56 -6.27 -0.88
C THR A 97 21.38 -6.82 0.53
N VAL A 98 20.94 -5.99 1.46
CA VAL A 98 20.75 -6.45 2.84
C VAL A 98 19.72 -7.59 2.96
N GLU A 99 18.74 -7.64 2.05
CA GLU A 99 17.72 -8.69 2.11
C GLU A 99 18.31 -10.05 1.74
N GLU A 100 19.40 -10.02 0.97
CA GLU A 100 20.09 -11.23 0.56
C GLU A 100 20.98 -11.75 1.71
N SER A 101 21.74 -10.86 2.35
CA SER A 101 22.61 -11.25 3.46
C SER A 101 21.80 -11.65 4.69
N ALA A 102 20.74 -10.89 4.96
CA ALA A 102 19.88 -11.16 6.11
C ALA A 102 19.20 -12.52 6.03
N TYR A 103 18.72 -12.88 4.84
CA TYR A 103 18.05 -14.16 4.66
C TYR A 103 19.04 -15.32 4.77
N PHE A 104 20.29 -15.09 4.38
CA PHE A 104 21.30 -16.14 4.47
C PHE A 104 21.53 -16.51 5.94
N LEU A 105 21.74 -15.50 6.79
CA LEU A 105 21.95 -15.76 8.21
C LEU A 105 20.67 -16.26 8.89
N HIS A 106 19.53 -15.86 8.34
CA HIS A 106 18.21 -16.27 8.86
C HIS A 106 18.14 -17.80 8.80
N LEU A 107 18.75 -18.37 7.75
CA LEU A 107 18.74 -19.82 7.56
C LEU A 107 19.94 -20.55 8.17
N THR A 108 20.99 -19.82 8.53
CA THR A 108 22.19 -20.46 9.04
C THR A 108 22.65 -20.19 10.47
N VAL A 109 22.02 -19.23 11.16
CA VAL A 109 22.41 -18.94 12.54
C VAL A 109 21.80 -19.94 13.52
N LYS A 110 22.64 -20.56 14.33
CA LYS A 110 22.20 -21.57 15.29
C LYS A 110 22.02 -21.05 16.71
N SER A 111 21.16 -20.06 16.87
CA SER A 111 20.91 -19.47 18.18
C SER A 111 19.59 -18.71 18.18
N ASP A 112 18.98 -18.59 19.36
CA ASP A 112 17.72 -17.87 19.54
C ASP A 112 17.98 -16.42 19.90
N LYS A 113 19.26 -16.06 20.11
CA LYS A 113 19.60 -14.69 20.46
C LYS A 113 19.33 -13.79 19.26
N PRO A 114 18.89 -12.54 19.51
CA PRO A 114 18.59 -11.57 18.44
C PRO A 114 19.73 -11.15 17.52
N VAL A 115 19.46 -11.24 16.21
CA VAL A 115 20.40 -10.83 15.18
C VAL A 115 19.63 -9.76 14.41
N VAL A 116 20.09 -8.52 14.53
CA VAL A 116 19.42 -7.40 13.89
C VAL A 116 20.24 -6.66 12.85
N PHE A 117 19.74 -6.61 11.62
CA PHE A 117 20.41 -5.88 10.55
C PHE A 117 19.87 -4.46 10.55
N VAL A 118 20.74 -3.48 10.36
CA VAL A 118 20.30 -2.09 10.31
C VAL A 118 21.01 -1.39 9.14
N ALA A 119 20.31 -0.44 8.52
CA ALA A 119 20.86 0.28 7.37
C ALA A 119 20.32 1.70 7.33
N ALA A 120 20.70 2.47 6.31
CA ALA A 120 20.25 3.86 6.16
C ALA A 120 20.15 4.23 4.67
N MET A 121 19.11 4.98 4.32
CA MET A 121 18.90 5.40 2.93
C MET A 121 19.56 6.74 2.60
N ARG A 122 19.92 7.49 3.63
CA ARG A 122 20.60 8.78 3.45
C ARG A 122 21.98 8.71 4.10
N PRO A 123 22.99 9.30 3.45
CA PRO A 123 24.35 9.28 4.02
C PRO A 123 24.41 10.00 5.37
N ALA A 124 25.32 9.56 6.23
CA ALA A 124 25.48 10.13 7.56
C ALA A 124 25.71 11.64 7.57
N THR A 125 26.19 12.18 6.46
CA THR A 125 26.47 13.61 6.38
C THR A 125 25.26 14.43 5.93
N ALA A 126 24.23 13.75 5.43
CA ALA A 126 23.05 14.42 4.92
C ALA A 126 22.16 15.10 5.97
N ILE A 127 21.34 16.04 5.50
CA ILE A 127 20.41 16.75 6.35
C ILE A 127 19.27 15.78 6.64
N SER A 128 18.86 15.69 7.90
CA SER A 128 17.79 14.79 8.32
C SER A 128 18.16 13.34 8.01
N ALA A 129 19.40 12.97 8.36
CA ALA A 129 19.89 11.62 8.12
C ALA A 129 19.10 10.63 8.98
N ASP A 130 18.78 9.47 8.42
CA ASP A 130 18.00 8.48 9.16
C ASP A 130 18.83 7.46 9.94
N GLY A 131 20.13 7.39 9.66
CA GLY A 131 21.00 6.44 10.34
C GLY A 131 21.00 6.47 11.86
N PRO A 132 21.17 7.65 12.47
CA PRO A 132 21.19 7.77 13.94
C PRO A 132 19.98 7.12 14.62
N MET A 133 18.78 7.48 14.18
CA MET A 133 17.58 6.91 14.77
C MET A 133 17.47 5.41 14.49
N ASN A 134 17.78 4.98 13.27
CA ASN A 134 17.69 3.55 12.95
C ASN A 134 18.60 2.72 13.86
N LEU A 135 19.82 3.23 14.10
CA LEU A 135 20.77 2.52 14.95
C LEU A 135 20.27 2.38 16.38
N LEU A 136 19.75 3.46 16.95
CA LEU A 136 19.23 3.44 18.31
C LEU A 136 18.11 2.42 18.45
N GLU A 137 17.23 2.37 17.45
CA GLU A 137 16.13 1.42 17.46
C GLU A 137 16.64 -0.01 17.34
N ALA A 138 17.67 -0.20 16.52
CA ALA A 138 18.26 -1.52 16.31
C ALA A 138 18.83 -2.06 17.63
N VAL A 139 19.51 -1.20 18.39
CA VAL A 139 20.09 -1.62 19.65
C VAL A 139 19.00 -1.96 20.68
N ARG A 140 17.95 -1.15 20.74
CA ARG A 140 16.86 -1.39 21.66
C ARG A 140 16.18 -2.72 21.34
N VAL A 141 16.01 -3.01 20.05
CA VAL A 141 15.38 -4.27 19.65
C VAL A 141 16.26 -5.46 20.02
N ALA A 142 17.54 -5.40 19.72
CA ALA A 142 18.45 -6.50 20.01
C ALA A 142 18.63 -6.79 21.51
N GLY A 143 18.47 -5.77 22.35
CA GLY A 143 18.63 -5.96 23.78
C GLY A 143 17.39 -6.35 24.57
N ASP A 144 16.24 -6.33 23.93
CA ASP A 144 14.99 -6.66 24.59
C ASP A 144 14.74 -8.17 24.62
N LYS A 145 14.36 -8.66 25.80
CA LYS A 145 14.09 -10.08 25.99
C LYS A 145 12.95 -10.62 25.13
N GLN A 146 12.04 -9.74 24.72
CA GLN A 146 10.91 -10.13 23.87
C GLN A 146 11.37 -10.54 22.47
N SER A 147 12.54 -10.07 22.08
CA SER A 147 13.07 -10.32 20.74
C SER A 147 13.64 -11.71 20.42
N ARG A 148 13.86 -12.54 21.44
CA ARG A 148 14.42 -13.87 21.20
C ARG A 148 13.48 -14.79 20.42
N GLY A 149 14.07 -15.73 19.69
CA GLY A 149 13.31 -16.70 18.91
C GLY A 149 12.41 -16.21 17.78
N ARG A 150 12.69 -15.03 17.24
CA ARG A 150 11.85 -14.52 16.16
C ARG A 150 12.49 -14.57 14.76
N GLY A 151 13.70 -15.11 14.67
CA GLY A 151 14.39 -15.19 13.40
C GLY A 151 15.18 -13.92 13.16
N VAL A 152 15.86 -13.81 12.02
CA VAL A 152 16.64 -12.61 11.74
C VAL A 152 15.73 -11.45 11.36
N MET A 153 16.06 -10.26 11.83
CA MET A 153 15.24 -9.08 11.59
C MET A 153 15.99 -7.92 10.94
N VAL A 154 15.25 -7.05 10.28
CA VAL A 154 15.80 -5.86 9.63
C VAL A 154 15.05 -4.68 10.24
N VAL A 155 15.79 -3.78 10.89
CA VAL A 155 15.19 -2.61 11.54
C VAL A 155 15.53 -1.32 10.83
N ILE A 156 14.50 -0.53 10.50
CA ILE A 156 14.67 0.74 9.80
C ILE A 156 13.32 1.46 9.66
N ASN A 157 13.35 2.78 9.81
CA ASN A 157 12.15 3.62 9.69
C ASN A 157 11.03 3.25 10.67
N ASP A 158 11.41 2.96 11.92
CA ASP A 158 10.49 2.61 12.99
C ASP A 158 9.83 1.23 12.84
N ARG A 159 10.22 0.47 11.82
CA ARG A 159 9.61 -0.84 11.57
C ARG A 159 10.57 -2.02 11.83
N ILE A 160 9.99 -3.18 12.12
CA ILE A 160 10.76 -4.41 12.34
C ILE A 160 10.25 -5.45 11.34
N GLY A 161 11.09 -5.81 10.36
CA GLY A 161 10.67 -6.77 9.37
C GLY A 161 11.44 -8.07 9.41
N SER A 162 10.82 -9.15 8.94
CA SER A 162 11.46 -10.46 8.92
C SER A 162 12.31 -10.63 7.66
N ALA A 163 13.48 -11.22 7.82
CA ALA A 163 14.41 -11.47 6.71
C ALA A 163 13.73 -12.25 5.59
N ARG A 164 12.81 -13.14 5.96
CA ARG A 164 12.10 -13.96 4.99
C ARG A 164 11.12 -13.18 4.10
N TYR A 165 10.55 -12.10 4.61
CA TYR A 165 9.57 -11.33 3.85
C TYR A 165 9.98 -9.92 3.40
N ILE A 166 10.83 -9.26 4.18
CA ILE A 166 11.23 -7.89 3.86
C ILE A 166 12.06 -7.76 2.58
N THR A 167 11.82 -6.70 1.82
CA THR A 167 12.55 -6.47 0.57
C THR A 167 12.56 -4.98 0.29
N LYS A 168 13.55 -4.51 -0.47
CA LYS A 168 13.64 -3.09 -0.82
C LYS A 168 12.69 -2.88 -2.00
N THR A 169 11.62 -2.11 -1.80
CA THR A 169 10.61 -1.90 -2.85
C THR A 169 10.73 -0.61 -3.67
N ASN A 170 11.48 0.36 -3.16
CA ASN A 170 11.66 1.63 -3.84
C ASN A 170 13.15 1.95 -3.96
N ALA A 171 13.52 2.51 -5.09
CA ALA A 171 14.92 2.84 -5.35
C ALA A 171 15.52 3.91 -4.46
N SER A 172 14.74 4.91 -4.08
CA SER A 172 15.31 6.02 -3.31
C SER A 172 14.59 6.63 -2.09
N THR A 173 13.50 6.04 -1.62
CA THR A 173 12.77 6.61 -0.48
C THR A 173 13.13 6.01 0.88
N LEU A 174 12.89 6.78 1.95
CA LEU A 174 13.16 6.35 3.32
C LEU A 174 12.31 5.15 3.74
N ASP A 175 11.05 5.14 3.28
CA ASP A 175 10.13 4.07 3.61
C ASP A 175 10.12 2.92 2.61
N THR A 176 11.26 2.69 1.97
CA THR A 176 11.41 1.65 0.96
C THR A 176 11.20 0.19 1.40
N PHE A 177 11.61 -0.16 2.61
CA PHE A 177 11.45 -1.54 3.07
C PHE A 177 10.05 -1.88 3.53
N ARG A 178 9.42 -2.83 2.83
CA ARG A 178 8.07 -3.26 3.14
C ARG A 178 7.86 -4.72 2.76
N ALA A 179 6.80 -5.30 3.30
CA ALA A 179 6.40 -6.67 3.01
C ALA A 179 4.89 -6.52 2.79
N ASN A 180 4.53 -6.10 1.58
CA ASN A 180 3.14 -5.85 1.22
C ASN A 180 2.09 -6.83 1.67
N GLU A 181 2.30 -8.12 1.43
CA GLU A 181 1.31 -9.13 1.82
C GLU A 181 1.48 -9.67 3.24
N GLU A 182 2.71 -9.62 3.77
CA GLU A 182 3.01 -10.18 5.08
C GLU A 182 3.11 -9.22 6.28
N GLY A 183 3.20 -7.93 6.01
CA GLY A 183 3.29 -6.95 7.09
C GLY A 183 4.62 -7.00 7.82
N TYR A 184 4.70 -6.24 8.92
CA TYR A 184 5.90 -6.17 9.75
C TYR A 184 5.75 -7.03 11.00
N LEU A 185 6.87 -7.43 11.59
CA LEU A 185 6.83 -8.21 12.82
C LEU A 185 6.38 -7.31 13.96
N GLY A 186 6.77 -6.04 13.89
CA GLY A 186 6.41 -5.08 14.92
C GLY A 186 6.85 -3.67 14.55
N VAL A 187 6.62 -2.73 15.46
CA VAL A 187 7.00 -1.34 15.24
C VAL A 187 7.55 -0.74 16.53
N ILE A 188 8.35 0.32 16.40
CA ILE A 188 8.95 0.99 17.55
C ILE A 188 8.49 2.44 17.57
N ILE A 189 7.66 2.78 18.56
CA ILE A 189 7.12 4.12 18.69
C ILE A 189 7.29 4.59 20.13
N GLY A 190 7.78 5.80 20.31
CA GLY A 190 7.98 6.34 21.66
C GLY A 190 8.88 5.50 22.53
N ASN A 191 9.94 4.95 21.93
CA ASN A 191 10.90 4.12 22.67
C ASN A 191 10.33 2.85 23.28
N ARG A 192 9.22 2.36 22.71
CA ARG A 192 8.59 1.13 23.18
C ARG A 192 8.41 0.22 21.97
N ILE A 193 8.58 -1.08 22.18
CA ILE A 193 8.43 -2.06 21.10
C ILE A 193 7.06 -2.70 21.10
N TYR A 194 6.40 -2.69 19.95
CA TYR A 194 5.07 -3.30 19.81
C TYR A 194 5.15 -4.49 18.84
N TYR A 195 5.26 -5.70 19.38
CA TYR A 195 5.32 -6.87 18.51
C TYR A 195 3.91 -7.23 18.05
N GLN A 196 3.78 -7.51 16.76
CA GLN A 196 2.49 -7.82 16.15
C GLN A 196 2.31 -9.24 15.64
N ASN A 197 3.34 -9.76 14.97
CA ASN A 197 3.32 -11.11 14.38
C ASN A 197 4.57 -11.93 14.70
N ARG A 198 4.46 -13.24 14.43
CA ARG A 198 5.53 -14.22 14.54
C ARG A 198 5.41 -14.96 13.21
N ILE A 199 6.49 -15.08 12.43
CA ILE A 199 6.36 -15.76 11.15
C ILE A 199 6.11 -17.27 11.31
N ASP A 200 5.36 -17.83 10.37
CA ASP A 200 5.02 -19.25 10.41
C ASP A 200 5.88 -20.04 9.41
N LYS A 201 7.19 -19.91 9.53
CA LYS A 201 8.15 -20.61 8.67
C LYS A 201 9.30 -21.06 9.57
N LEU A 202 10.09 -22.02 9.09
CA LEU A 202 11.23 -22.51 9.86
C LEU A 202 12.43 -21.57 9.69
N HIS A 203 13.27 -21.48 10.72
CA HIS A 203 14.45 -20.62 10.67
C HIS A 203 15.40 -20.90 11.82
N THR A 204 16.53 -20.20 11.79
CA THR A 204 17.59 -20.29 12.80
C THR A 204 17.81 -21.66 13.47
N THR A 205 17.49 -21.75 14.76
CA THR A 205 17.69 -22.98 15.52
C THR A 205 16.98 -24.23 15.02
N ARG A 206 16.01 -24.08 14.13
CA ARG A 206 15.30 -25.25 13.62
C ARG A 206 15.50 -25.46 12.12
N SER A 207 16.57 -24.88 11.59
CA SER A 207 16.90 -25.00 10.17
C SER A 207 17.86 -26.18 9.99
N VAL A 208 17.73 -26.91 8.88
CA VAL A 208 18.61 -28.06 8.62
C VAL A 208 19.91 -27.65 7.97
N PHE A 209 20.00 -26.39 7.54
CA PHE A 209 21.20 -25.90 6.89
C PHE A 209 22.28 -25.48 7.89
N ASP A 210 23.52 -25.88 7.61
CA ASP A 210 24.65 -25.53 8.45
C ASP A 210 25.84 -25.27 7.55
N VAL A 211 26.45 -24.09 7.68
CA VAL A 211 27.59 -23.75 6.83
C VAL A 211 28.92 -23.79 7.57
N ARG A 212 28.91 -24.23 8.82
CA ARG A 212 30.16 -24.33 9.56
C ARG A 212 30.92 -25.51 8.96
N GLY A 213 32.18 -25.29 8.60
CA GLY A 213 32.95 -26.36 8.01
C GLY A 213 32.69 -26.38 6.51
N LEU A 214 32.36 -25.22 5.97
CA LEU A 214 32.08 -25.05 4.55
C LEU A 214 32.85 -23.80 4.12
N THR A 215 33.40 -23.81 2.92
CA THR A 215 34.15 -22.64 2.46
C THR A 215 33.75 -22.15 1.07
N SER A 216 32.79 -22.85 0.45
CA SER A 216 32.33 -22.47 -0.88
C SER A 216 30.87 -22.86 -1.12
N LEU A 217 30.17 -22.06 -1.92
CA LEU A 217 28.76 -22.31 -2.22
C LEU A 217 28.51 -22.57 -3.71
N PRO A 218 27.54 -23.43 -4.04
CA PRO A 218 27.19 -23.76 -5.43
C PRO A 218 26.84 -22.51 -6.21
N LYS A 219 27.21 -22.46 -7.48
CA LYS A 219 26.95 -21.30 -8.33
C LYS A 219 25.50 -21.23 -8.84
N VAL A 220 24.84 -20.10 -8.60
CA VAL A 220 23.46 -19.91 -9.04
C VAL A 220 23.26 -18.53 -9.66
N ASP A 221 22.74 -18.49 -10.88
CA ASP A 221 22.49 -17.24 -11.56
C ASP A 221 20.99 -16.98 -11.75
N ILE A 222 20.65 -15.73 -12.01
CA ILE A 222 19.26 -15.30 -12.21
C ILE A 222 19.04 -14.73 -13.61
N LEU A 223 18.04 -15.26 -14.31
CA LEU A 223 17.70 -14.79 -15.65
C LEU A 223 16.30 -14.15 -15.64
N TYR A 224 16.14 -13.04 -16.34
CA TYR A 224 14.88 -12.31 -16.39
C TYR A 224 13.91 -12.81 -17.48
N GLY A 225 12.62 -12.55 -17.28
CA GLY A 225 11.60 -12.96 -18.22
C GLY A 225 10.89 -11.75 -18.83
N TYR A 226 10.75 -11.75 -20.15
CA TYR A 226 10.10 -10.65 -20.87
C TYR A 226 9.82 -11.02 -22.33
N GLN A 227 9.08 -10.16 -23.03
CA GLN A 227 8.79 -10.40 -24.44
C GLN A 227 10.10 -10.49 -25.23
N ASP A 228 10.22 -11.51 -26.07
CA ASP A 228 11.42 -11.72 -26.88
C ASP A 228 12.65 -12.20 -26.09
N ASP A 229 12.47 -12.79 -24.92
CA ASP A 229 13.63 -13.25 -24.14
C ASP A 229 14.46 -14.27 -24.93
N PRO A 230 15.79 -14.12 -24.92
CA PRO A 230 16.71 -15.01 -25.65
C PRO A 230 17.06 -16.36 -25.03
N GLU A 231 17.13 -17.38 -25.89
CA GLU A 231 17.49 -18.71 -25.44
C GLU A 231 18.99 -18.79 -25.18
N TYR A 232 19.76 -17.94 -25.87
CA TYR A 232 21.22 -17.96 -25.72
C TYR A 232 21.76 -17.66 -24.33
N LEU A 233 21.00 -16.90 -23.53
CA LEU A 233 21.46 -16.58 -22.18
C LEU A 233 21.54 -17.84 -21.33
N TYR A 234 20.69 -18.81 -21.64
CA TYR A 234 20.69 -20.07 -20.92
C TYR A 234 21.94 -20.87 -21.29
N ASP A 235 22.29 -20.86 -22.57
CA ASP A 235 23.47 -21.57 -23.07
C ASP A 235 24.73 -21.09 -22.37
N ALA A 236 24.85 -19.77 -22.22
CA ALA A 236 26.00 -19.16 -21.57
C ALA A 236 26.11 -19.58 -20.11
N ALA A 237 24.99 -19.61 -19.40
CA ALA A 237 24.98 -19.98 -17.99
C ALA A 237 25.43 -21.43 -17.83
N ILE A 238 24.86 -22.31 -18.63
CA ILE A 238 25.18 -23.73 -18.59
C ILE A 238 26.66 -23.99 -18.87
N GLN A 239 27.18 -23.36 -19.93
CA GLN A 239 28.58 -23.54 -20.29
C GLN A 239 29.56 -22.99 -19.26
N HIS A 240 29.09 -22.09 -18.41
CA HIS A 240 29.96 -21.50 -17.38
C HIS A 240 29.92 -22.21 -16.04
N GLY A 241 29.28 -23.38 -16.01
CA GLY A 241 29.22 -24.17 -14.80
C GLY A 241 28.23 -23.91 -13.69
N VAL A 242 27.08 -23.30 -13.98
CA VAL A 242 26.10 -23.06 -12.92
C VAL A 242 25.51 -24.37 -12.45
N LYS A 243 25.13 -24.43 -11.17
CA LYS A 243 24.51 -25.61 -10.61
C LYS A 243 22.99 -25.40 -10.58
N GLY A 244 22.59 -24.14 -10.63
CA GLY A 244 21.17 -23.82 -10.61
C GLY A 244 20.87 -22.49 -11.27
N ILE A 245 19.63 -22.34 -11.74
CA ILE A 245 19.19 -21.11 -12.39
C ILE A 245 17.84 -20.67 -11.81
N VAL A 246 17.77 -19.41 -11.39
CA VAL A 246 16.52 -18.86 -10.86
C VAL A 246 15.95 -18.00 -11.99
N TYR A 247 14.68 -18.24 -12.32
CA TYR A 247 14.00 -17.52 -13.39
C TYR A 247 13.01 -16.50 -12.83
N ALA A 248 13.27 -15.21 -13.06
CA ALA A 248 12.38 -14.14 -12.61
C ALA A 248 11.37 -13.97 -13.74
N GLY A 249 10.41 -14.89 -13.79
CA GLY A 249 9.44 -14.91 -14.85
C GLY A 249 8.31 -13.89 -14.85
N MET A 250 7.62 -13.87 -15.98
CA MET A 250 6.48 -13.01 -16.22
C MET A 250 5.33 -13.64 -15.44
N GLY A 251 4.52 -12.79 -14.79
CA GLY A 251 3.40 -13.32 -14.03
C GLY A 251 3.79 -14.39 -13.02
N ALA A 252 3.05 -15.49 -13.01
CA ALA A 252 3.31 -16.59 -12.08
C ALA A 252 4.30 -17.60 -12.68
N GLY A 253 5.50 -17.11 -12.98
CA GLY A 253 6.53 -17.97 -13.54
C GLY A 253 6.24 -18.53 -14.92
N SER A 254 5.53 -17.77 -15.75
CA SER A 254 5.18 -18.19 -17.11
C SER A 254 6.45 -18.19 -17.97
N VAL A 255 6.52 -19.11 -18.94
CA VAL A 255 7.70 -19.23 -19.79
C VAL A 255 7.38 -19.22 -21.30
N SER A 256 8.18 -18.49 -22.08
CA SER A 256 7.98 -18.43 -23.52
C SER A 256 8.58 -19.69 -24.16
N VAL A 257 8.37 -19.86 -25.46
CA VAL A 257 8.91 -21.04 -26.15
C VAL A 257 10.44 -21.07 -26.10
N ARG A 258 11.06 -19.89 -26.16
CA ARG A 258 12.50 -19.78 -26.12
C ARG A 258 13.02 -20.13 -24.72
N GLY A 259 12.25 -19.76 -23.71
CA GLY A 259 12.66 -20.06 -22.34
C GLY A 259 12.52 -21.54 -22.03
N ILE A 260 11.50 -22.17 -22.59
CA ILE A 260 11.28 -23.59 -22.38
C ILE A 260 12.42 -24.38 -23.00
N ALA A 261 12.83 -24.01 -24.21
CA ALA A 261 13.93 -24.69 -24.88
C ALA A 261 15.21 -24.57 -24.05
N GLY A 262 15.44 -23.36 -23.52
CA GLY A 262 16.62 -23.13 -22.69
C GLY A 262 16.60 -23.90 -21.38
N MET A 263 15.42 -24.05 -20.79
CA MET A 263 15.28 -24.78 -19.53
C MET A 263 15.49 -26.28 -19.75
N ARG A 264 15.06 -26.79 -20.90
CA ARG A 264 15.23 -28.19 -21.21
C ARG A 264 16.72 -28.55 -21.31
N LYS A 265 17.49 -27.71 -22.00
CA LYS A 265 18.92 -27.92 -22.16
C LYS A 265 19.58 -27.98 -20.78
N ALA A 266 19.12 -27.11 -19.88
CA ALA A 266 19.66 -27.06 -18.54
C ALA A 266 19.33 -28.34 -17.77
N LEU A 267 18.09 -28.78 -17.86
CA LEU A 267 17.69 -30.00 -17.16
C LEU A 267 18.49 -31.22 -17.60
N GLU A 268 18.80 -31.33 -18.90
CA GLU A 268 19.57 -32.47 -19.41
C GLU A 268 20.99 -32.50 -18.84
N LYS A 269 21.51 -31.31 -18.53
CA LYS A 269 22.86 -31.14 -17.99
C LYS A 269 22.92 -31.25 -16.46
N GLY A 270 21.80 -31.61 -15.84
CA GLY A 270 21.77 -31.73 -14.40
C GLY A 270 21.66 -30.44 -13.62
N VAL A 271 21.32 -29.35 -14.31
CA VAL A 271 21.15 -28.06 -13.65
C VAL A 271 19.72 -27.93 -13.12
N VAL A 272 19.58 -27.46 -11.89
CA VAL A 272 18.25 -27.28 -11.27
C VAL A 272 17.66 -25.93 -11.62
N VAL A 273 16.45 -25.94 -12.20
CA VAL A 273 15.77 -24.70 -12.60
C VAL A 273 14.65 -24.36 -11.59
N MET A 274 14.67 -23.14 -11.09
CA MET A 274 13.67 -22.67 -10.12
C MET A 274 12.91 -21.48 -10.70
N ARG A 275 11.60 -21.63 -10.86
CA ARG A 275 10.77 -20.55 -11.42
C ARG A 275 10.18 -19.63 -10.35
N SER A 276 10.54 -18.36 -10.44
CA SER A 276 10.06 -17.34 -9.52
C SER A 276 9.29 -16.29 -10.33
N THR A 277 9.18 -15.07 -9.81
CA THR A 277 8.44 -14.03 -10.51
C THR A 277 9.09 -12.64 -10.47
N ARG A 278 8.90 -11.87 -11.54
CA ARG A 278 9.45 -10.51 -11.63
C ARG A 278 8.48 -9.45 -11.08
N THR A 279 7.25 -9.87 -10.78
CA THR A 279 6.22 -8.94 -10.31
C THR A 279 6.51 -8.23 -8.99
N GLY A 280 7.13 -8.92 -8.05
CA GLY A 280 7.47 -8.32 -6.77
C GLY A 280 6.76 -8.89 -5.55
N ASN A 281 5.61 -9.54 -5.76
CA ASN A 281 4.84 -10.11 -4.65
C ASN A 281 4.06 -11.34 -5.12
N GLY A 282 3.63 -12.16 -4.18
CA GLY A 282 2.81 -13.30 -4.56
C GLY A 282 3.38 -14.71 -4.58
N ILE A 283 2.47 -15.63 -4.86
CA ILE A 283 2.76 -17.06 -4.91
C ILE A 283 2.88 -17.59 -6.33
N VAL A 284 3.94 -18.37 -6.58
CA VAL A 284 4.12 -19.01 -7.88
C VAL A 284 3.64 -20.43 -7.60
N PRO A 285 2.46 -20.79 -8.11
CA PRO A 285 1.90 -22.12 -7.90
C PRO A 285 2.49 -23.21 -8.79
N PRO A 286 2.53 -24.46 -8.30
CA PRO A 286 3.07 -25.55 -9.10
C PRO A 286 2.25 -25.76 -10.37
N ASP A 287 2.86 -26.35 -11.39
CA ASP A 287 2.21 -26.63 -12.66
C ASP A 287 2.95 -27.79 -13.31
N GLU A 288 2.31 -28.96 -13.37
CA GLU A 288 2.93 -30.15 -13.94
C GLU A 288 3.32 -30.00 -15.42
N GLU A 289 2.64 -29.10 -16.12
CA GLU A 289 2.91 -28.89 -17.53
C GLU A 289 4.13 -28.00 -17.85
N LEU A 290 4.70 -27.35 -16.83
CA LEU A 290 5.87 -26.50 -17.05
C LEU A 290 7.10 -27.11 -16.41
N PRO A 291 8.29 -26.86 -16.98
CA PRO A 291 9.56 -27.38 -16.47
C PRO A 291 10.06 -26.66 -15.23
N GLY A 292 10.85 -27.35 -14.40
CA GLY A 292 11.40 -26.74 -13.21
C GLY A 292 10.55 -26.81 -11.95
N LEU A 293 11.03 -26.18 -10.89
CA LEU A 293 10.33 -26.14 -9.60
C LEU A 293 9.75 -24.73 -9.45
N VAL A 294 8.95 -24.51 -8.40
CA VAL A 294 8.34 -23.20 -8.16
C VAL A 294 8.84 -22.59 -6.84
N SER A 295 8.92 -21.26 -6.79
CA SER A 295 9.46 -20.57 -5.62
C SER A 295 8.53 -20.20 -4.45
N ASP A 296 7.26 -20.59 -4.49
CA ASP A 296 6.35 -20.24 -3.40
C ASP A 296 6.27 -18.71 -3.40
N SER A 297 6.37 -18.06 -2.23
CA SER A 297 6.31 -16.60 -2.18
C SER A 297 7.68 -15.92 -2.17
N LEU A 298 8.75 -16.69 -2.39
CA LEU A 298 10.10 -16.13 -2.41
C LEU A 298 10.38 -15.36 -3.70
N ASN A 299 10.92 -14.14 -3.57
CA ASN A 299 11.25 -13.36 -4.76
C ASN A 299 12.58 -13.87 -5.32
N PRO A 300 12.97 -13.45 -6.54
CA PRO A 300 14.24 -13.92 -7.12
C PRO A 300 15.47 -13.88 -6.21
N ALA A 301 15.73 -12.73 -5.59
CA ALA A 301 16.88 -12.59 -4.71
C ALA A 301 16.87 -13.56 -3.54
N HIS A 302 15.72 -13.72 -2.89
CA HIS A 302 15.59 -14.66 -1.76
C HIS A 302 15.70 -16.10 -2.24
N ALA A 303 15.06 -16.39 -3.37
CA ALA A 303 15.07 -17.75 -3.93
C ALA A 303 16.47 -18.26 -4.25
N ARG A 304 17.33 -17.39 -4.79
CA ARG A 304 18.70 -17.79 -5.11
C ARG A 304 19.43 -18.23 -3.85
N ILE A 305 19.27 -17.48 -2.77
CA ILE A 305 19.92 -17.83 -1.50
C ILE A 305 19.53 -19.23 -1.04
N LEU A 306 18.23 -19.50 -0.99
CA LEU A 306 17.75 -20.80 -0.55
C LEU A 306 18.20 -21.91 -1.50
N LEU A 307 18.20 -21.67 -2.81
CA LEU A 307 18.63 -22.71 -3.75
C LEU A 307 20.10 -23.09 -3.54
N MET A 308 20.97 -22.09 -3.34
CA MET A 308 22.39 -22.36 -3.12
C MET A 308 22.60 -23.25 -1.91
N LEU A 309 21.91 -22.91 -0.82
CA LEU A 309 22.02 -23.67 0.42
C LEU A 309 21.42 -25.06 0.28
N ALA A 310 20.33 -25.16 -0.46
CA ALA A 310 19.69 -26.45 -0.65
C ALA A 310 20.63 -27.40 -1.40
N LEU A 311 21.33 -26.89 -2.40
CA LEU A 311 22.25 -27.69 -3.19
C LEU A 311 23.47 -28.20 -2.42
N THR A 312 23.68 -27.68 -1.23
CA THR A 312 24.80 -28.11 -0.40
C THR A 312 24.38 -29.33 0.43
N ARG A 313 23.11 -29.69 0.34
CA ARG A 313 22.60 -30.83 1.10
C ARG A 313 21.99 -31.93 0.25
N THR A 314 21.52 -31.57 -0.94
CA THR A 314 20.91 -32.55 -1.83
C THR A 314 20.75 -32.04 -3.25
N SER A 315 20.37 -32.95 -4.14
CA SER A 315 20.16 -32.62 -5.54
C SER A 315 18.81 -33.16 -5.97
N ASP A 316 18.11 -33.81 -5.04
CA ASP A 316 16.79 -34.38 -5.31
C ASP A 316 15.75 -33.26 -5.42
N PRO A 317 15.15 -33.11 -6.60
CA PRO A 317 14.15 -32.05 -6.82
C PRO A 317 12.94 -32.09 -5.89
N LYS A 318 12.53 -33.29 -5.48
CA LYS A 318 11.39 -33.43 -4.59
C LYS A 318 11.70 -32.84 -3.20
N VAL A 319 12.93 -33.04 -2.75
CA VAL A 319 13.34 -32.52 -1.45
C VAL A 319 13.51 -31.01 -1.51
N ILE A 320 14.14 -30.52 -2.58
CA ILE A 320 14.35 -29.08 -2.75
C ILE A 320 13.01 -28.33 -2.80
N GLN A 321 12.04 -28.87 -3.54
CA GLN A 321 10.73 -28.23 -3.64
C GLN A 321 10.09 -28.05 -2.26
N GLU A 322 10.28 -29.03 -1.38
CA GLU A 322 9.69 -28.94 -0.04
C GLU A 322 10.36 -27.84 0.79
N TYR A 323 11.66 -27.65 0.61
CA TYR A 323 12.38 -26.60 1.33
C TYR A 323 11.71 -25.24 1.04
N PHE A 324 11.33 -25.04 -0.22
CA PHE A 324 10.73 -23.77 -0.62
C PHE A 324 9.35 -23.51 -0.03
N HIS A 325 8.65 -24.56 0.40
CA HIS A 325 7.34 -24.38 1.01
C HIS A 325 7.42 -24.25 2.53
N THR A 326 8.59 -24.54 3.12
CA THR A 326 8.72 -24.47 4.57
C THR A 326 9.70 -23.45 5.12
N TYR A 327 10.61 -22.95 4.29
CA TYR A 327 11.59 -21.96 4.73
C TYR A 327 11.31 -20.55 4.19
N LEU B 4 16.85 34.37 -8.54
CA LEU B 4 16.32 33.65 -7.34
C LEU B 4 14.90 34.12 -7.02
N PRO B 5 13.95 33.18 -6.87
CA PRO B 5 12.55 33.50 -6.55
C PRO B 5 12.36 34.14 -5.18
N ASN B 6 11.31 34.95 -5.05
CA ASN B 6 10.99 35.58 -3.78
C ASN B 6 9.90 34.75 -3.11
N ILE B 7 10.25 34.10 -2.00
CA ILE B 7 9.31 33.24 -1.30
C ILE B 7 9.08 33.72 0.14
N VAL B 8 7.82 33.70 0.56
CA VAL B 8 7.48 34.10 1.92
C VAL B 8 7.14 32.85 2.72
N ILE B 9 7.68 32.76 3.93
CA ILE B 9 7.39 31.61 4.78
C ILE B 9 6.47 32.08 5.91
N LEU B 10 5.23 31.63 5.88
CA LEU B 10 4.25 31.99 6.90
C LEU B 10 4.19 30.87 7.94
N ALA B 11 4.49 31.23 9.18
CA ALA B 11 4.46 30.27 10.28
C ALA B 11 3.15 30.34 11.06
N THR B 12 2.50 29.19 11.25
CA THR B 12 1.25 29.15 12.01
C THR B 12 1.44 28.32 13.26
N GLY B 13 2.49 27.52 13.28
CA GLY B 13 2.78 26.67 14.43
C GLY B 13 3.34 25.34 13.99
N GLY B 14 3.17 24.31 14.83
CA GLY B 14 3.68 23.00 14.51
C GLY B 14 5.03 22.77 15.18
N THR B 15 5.35 21.50 15.43
CA THR B 15 6.61 21.17 16.10
C THR B 15 7.81 21.42 15.20
N ILE B 16 7.57 21.53 13.90
CA ILE B 16 8.64 21.77 12.93
C ILE B 16 9.32 23.10 13.23
N ALA B 17 8.51 24.11 13.55
CA ALA B 17 9.04 25.44 13.85
C ALA B 17 8.64 25.85 15.27
N ALA B 33 6.58 27.03 17.30
CA ALA B 33 6.90 27.49 18.67
C ALA B 33 8.04 28.52 18.68
N LEU B 34 9.08 28.27 17.90
CA LEU B 34 10.21 29.19 17.84
C LEU B 34 10.06 30.18 16.69
N GLY B 35 10.67 31.35 16.86
CA GLY B 35 10.58 32.39 15.84
C GLY B 35 10.79 31.87 14.44
N VAL B 36 9.99 32.37 13.50
CA VAL B 36 10.09 31.94 12.11
C VAL B 36 11.48 32.29 11.55
N ASP B 37 12.11 33.30 12.16
CA ASP B 37 13.45 33.73 11.74
C ASP B 37 14.46 32.70 12.22
N THR B 38 14.32 32.27 13.46
CA THR B 38 15.22 31.28 14.02
C THR B 38 15.14 30.00 13.20
N LEU B 39 13.98 29.76 12.60
CA LEU B 39 13.76 28.58 11.78
C LEU B 39 14.59 28.67 10.50
N ILE B 40 14.59 29.85 9.89
CA ILE B 40 15.32 30.09 8.65
C ILE B 40 16.83 30.05 8.88
N ASN B 41 17.29 30.64 9.98
CA ASN B 41 18.71 30.63 10.30
C ASN B 41 19.19 29.22 10.66
N ALA B 42 18.25 28.39 11.12
CA ALA B 42 18.55 27.01 11.49
C ALA B 42 18.79 26.13 10.27
N VAL B 43 18.15 26.47 9.16
CA VAL B 43 18.31 25.72 7.91
C VAL B 43 18.73 26.71 6.82
N PRO B 44 19.94 27.29 6.96
CA PRO B 44 20.50 28.28 6.03
C PRO B 44 20.52 27.91 4.54
N GLU B 45 20.54 26.61 4.24
CA GLU B 45 20.55 26.15 2.85
C GLU B 45 19.39 26.72 2.02
N VAL B 46 18.26 27.01 2.69
CA VAL B 46 17.10 27.55 1.98
C VAL B 46 17.46 28.87 1.30
N LYS B 47 18.40 29.60 1.88
CA LYS B 47 18.83 30.89 1.36
C LYS B 47 19.55 30.80 0.02
N LYS B 48 19.84 29.59 -0.45
CA LYS B 48 20.51 29.43 -1.73
C LYS B 48 19.52 28.97 -2.79
N LEU B 49 18.28 28.75 -2.38
CA LEU B 49 17.22 28.31 -3.28
C LEU B 49 16.32 29.48 -3.63
N ALA B 50 16.26 30.48 -2.74
CA ALA B 50 15.42 31.65 -2.96
C ALA B 50 15.66 32.76 -1.95
N ASN B 51 15.10 33.94 -2.24
CA ASN B 51 15.19 35.08 -1.35
C ASN B 51 13.97 34.92 -0.44
N VAL B 52 14.19 34.42 0.78
CA VAL B 52 13.11 34.17 1.72
C VAL B 52 12.87 35.24 2.79
N LYS B 53 11.60 35.42 3.14
CA LYS B 53 11.17 36.37 4.16
C LYS B 53 10.16 35.65 5.06
N GLY B 54 10.39 35.70 6.36
CA GLY B 54 9.48 35.03 7.28
C GLY B 54 8.44 35.95 7.89
N GLU B 55 7.29 35.39 8.26
CA GLU B 55 6.21 36.15 8.89
C GLU B 55 5.50 35.25 9.90
N GLN B 56 5.39 35.71 11.14
CA GLN B 56 4.74 34.92 12.19
C GLN B 56 3.25 35.20 12.24
N PHE B 57 2.47 34.28 11.66
CA PHE B 57 1.01 34.44 11.62
C PHE B 57 0.39 34.03 12.95
N SER B 58 0.83 32.90 13.49
CA SER B 58 0.32 32.39 14.75
C SER B 58 1.28 31.34 15.28
N ASN B 59 0.97 30.78 16.44
CA ASN B 59 1.83 29.77 17.01
C ASN B 59 1.05 28.82 17.91
N MET B 60 0.40 27.85 17.28
CA MET B 60 -0.40 26.88 18.01
C MET B 60 -0.37 25.48 17.40
N ALA B 61 -0.69 24.48 18.22
CA ALA B 61 -0.73 23.10 17.78
C ALA B 61 -1.95 23.01 16.85
N SER B 62 -1.83 22.29 15.74
CA SER B 62 -2.92 22.21 14.78
C SER B 62 -4.24 21.67 15.33
N GLU B 63 -4.20 20.89 16.41
CA GLU B 63 -5.45 20.38 16.96
C GLU B 63 -6.30 21.55 17.49
N ASN B 64 -5.67 22.72 17.67
CA ASN B 64 -6.36 23.91 18.15
C ASN B 64 -6.62 24.96 17.07
N MET B 65 -6.37 24.61 15.81
CA MET B 65 -6.63 25.55 14.73
C MET B 65 -8.15 25.64 14.54
N THR B 66 -8.68 26.84 14.36
CA THR B 66 -10.12 27.00 14.17
C THR B 66 -10.48 27.65 12.83
N GLY B 67 -11.73 27.44 12.41
CA GLY B 67 -12.21 27.98 11.15
C GLY B 67 -12.01 29.48 11.00
N ASP B 68 -12.25 30.25 12.06
CA ASP B 68 -12.07 31.69 11.97
C ASP B 68 -10.61 32.04 11.74
N VAL B 69 -9.71 31.19 12.24
CA VAL B 69 -8.26 31.40 12.07
C VAL B 69 -7.85 31.01 10.65
N VAL B 70 -8.35 29.87 10.16
CA VAL B 70 -8.03 29.42 8.82
C VAL B 70 -8.58 30.43 7.81
N LEU B 71 -9.72 31.02 8.16
CA LEU B 71 -10.36 32.03 7.31
C LEU B 71 -9.41 33.22 7.14
N LYS B 72 -8.81 33.65 8.24
CA LYS B 72 -7.86 34.77 8.23
C LYS B 72 -6.60 34.44 7.44
N LEU B 73 -6.14 33.19 7.53
CA LEU B 73 -4.93 32.75 6.83
C LEU B 73 -5.15 32.83 5.32
N SER B 74 -6.32 32.41 4.87
CA SER B 74 -6.66 32.44 3.45
C SER B 74 -6.62 33.87 2.94
N GLN B 75 -7.28 34.78 3.66
CA GLN B 75 -7.34 36.18 3.28
C GLN B 75 -5.94 36.79 3.20
N ARG B 76 -5.09 36.46 4.16
CA ARG B 76 -3.73 36.97 4.18
C ARG B 76 -2.91 36.42 3.01
N VAL B 77 -3.09 35.16 2.67
CA VAL B 77 -2.36 34.56 1.56
C VAL B 77 -2.80 35.17 0.22
N ASN B 78 -4.10 35.45 0.09
CA ASN B 78 -4.59 36.07 -1.14
C ASN B 78 -3.97 37.46 -1.29
N GLU B 79 -3.71 38.11 -0.16
CA GLU B 79 -3.13 39.45 -0.12
C GLU B 79 -1.67 39.41 -0.58
N LEU B 80 -0.91 38.44 -0.06
CA LEU B 80 0.49 38.27 -0.41
C LEU B 80 0.69 37.92 -1.88
N LEU B 81 -0.05 36.93 -2.37
CA LEU B 81 0.09 36.47 -3.74
C LEU B 81 -0.37 37.50 -4.79
N ALA B 82 -1.05 38.55 -4.36
CA ALA B 82 -1.51 39.58 -5.29
C ALA B 82 -0.37 40.52 -5.67
N ARG B 83 0.71 40.47 -4.91
CA ARG B 83 1.89 41.30 -5.13
C ARG B 83 2.79 40.76 -6.24
N ASP B 84 3.40 41.69 -6.97
CA ASP B 84 4.30 41.34 -8.06
C ASP B 84 5.64 40.87 -7.53
N ASP B 85 5.97 41.26 -6.31
CA ASP B 85 7.23 40.87 -5.68
C ASP B 85 7.17 39.57 -4.89
N VAL B 86 6.08 38.82 -5.04
CA VAL B 86 5.94 37.54 -4.35
C VAL B 86 5.70 36.44 -5.37
N ASP B 87 6.59 35.45 -5.40
CA ASP B 87 6.48 34.34 -6.34
C ASP B 87 5.81 33.08 -5.79
N GLY B 88 5.76 32.95 -4.47
CA GLY B 88 5.14 31.78 -3.87
C GLY B 88 5.15 31.87 -2.36
N VAL B 89 4.43 30.98 -1.70
CA VAL B 89 4.36 30.96 -0.24
C VAL B 89 4.54 29.54 0.30
N VAL B 90 5.15 29.45 1.47
CA VAL B 90 5.38 28.18 2.17
C VAL B 90 4.73 28.38 3.54
N ILE B 91 3.88 27.45 3.95
CA ILE B 91 3.20 27.58 5.23
C ILE B 91 3.55 26.45 6.17
N THR B 92 4.18 26.75 7.30
CA THR B 92 4.52 25.71 8.28
C THR B 92 3.25 25.52 9.11
N HIS B 93 2.94 24.27 9.44
CA HIS B 93 1.69 23.95 10.15
C HIS B 93 1.87 22.61 10.85
N GLY B 94 1.01 22.32 11.82
CA GLY B 94 1.10 21.03 12.51
C GLY B 94 0.56 19.96 11.58
N THR B 95 0.95 18.71 11.81
CA THR B 95 0.52 17.61 10.95
C THR B 95 -0.92 17.13 11.17
N ASP B 96 -1.40 17.17 12.40
CA ASP B 96 -2.73 16.66 12.72
C ASP B 96 -3.91 17.16 11.89
N THR B 97 -4.01 18.47 11.66
CA THR B 97 -5.13 18.97 10.86
C THR B 97 -4.69 19.74 9.62
N VAL B 98 -3.48 19.48 9.13
CA VAL B 98 -3.00 20.18 7.95
C VAL B 98 -3.86 19.90 6.71
N GLU B 99 -4.44 18.71 6.64
CA GLU B 99 -5.27 18.35 5.49
C GLU B 99 -6.53 19.19 5.44
N GLU B 100 -6.98 19.67 6.59
CA GLU B 100 -8.18 20.49 6.67
C GLU B 100 -7.82 21.92 6.26
N SER B 101 -6.74 22.45 6.83
CA SER B 101 -6.30 23.80 6.50
C SER B 101 -5.87 23.90 5.03
N ALA B 102 -5.17 22.89 4.53
CA ALA B 102 -4.71 22.89 3.14
C ALA B 102 -5.86 22.83 2.13
N TYR B 103 -6.90 22.04 2.42
CA TYR B 103 -8.03 21.93 1.49
C TYR B 103 -8.86 23.22 1.50
N PHE B 104 -8.89 23.92 2.63
CA PHE B 104 -9.62 25.19 2.73
C PHE B 104 -8.98 26.21 1.78
N LEU B 105 -7.65 26.35 1.82
CA LEU B 105 -6.99 27.31 0.94
C LEU B 105 -7.03 26.86 -0.52
N HIS B 106 -7.04 25.54 -0.74
CA HIS B 106 -7.10 24.94 -2.07
C HIS B 106 -8.35 25.46 -2.81
N LEU B 107 -9.40 25.72 -2.05
CA LEU B 107 -10.67 26.19 -2.60
C LEU B 107 -10.87 27.70 -2.60
N THR B 108 -10.08 28.42 -1.82
CA THR B 108 -10.27 29.86 -1.72
C THR B 108 -9.14 30.78 -2.17
N VAL B 109 -7.99 30.23 -2.53
CA VAL B 109 -6.88 31.07 -2.99
C VAL B 109 -7.03 31.34 -4.48
N LYS B 110 -7.16 32.62 -4.83
CA LYS B 110 -7.36 33.01 -6.22
C LYS B 110 -6.08 33.40 -6.94
N SER B 111 -5.15 32.45 -7.04
CA SER B 111 -3.89 32.69 -7.72
C SER B 111 -3.31 31.36 -8.20
N ASP B 112 -2.49 31.42 -9.25
CA ASP B 112 -1.84 30.24 -9.81
C ASP B 112 -0.43 30.08 -9.22
N LYS B 113 -0.02 31.01 -8.38
CA LYS B 113 1.30 30.91 -7.76
C LYS B 113 1.27 29.79 -6.73
N PRO B 114 2.41 29.10 -6.53
CA PRO B 114 2.46 28.00 -5.56
C PRO B 114 2.23 28.33 -4.09
N VAL B 115 1.39 27.51 -3.46
CA VAL B 115 1.06 27.61 -2.05
C VAL B 115 1.40 26.21 -1.54
N VAL B 116 2.47 26.13 -0.75
CA VAL B 116 2.94 24.85 -0.25
C VAL B 116 2.93 24.72 1.27
N PHE B 117 2.20 23.73 1.78
CA PHE B 117 2.16 23.48 3.22
C PHE B 117 3.27 22.47 3.54
N VAL B 118 3.93 22.67 4.68
CA VAL B 118 4.99 21.76 5.10
C VAL B 118 4.86 21.52 6.61
N ALA B 119 5.26 20.34 7.05
CA ALA B 119 5.17 19.99 8.47
C ALA B 119 6.22 18.93 8.80
N ALA B 120 6.27 18.50 10.07
CA ALA B 120 7.23 17.49 10.52
C ALA B 120 6.63 16.53 11.55
N MET B 121 6.92 15.25 11.42
CA MET B 121 6.40 14.25 12.36
C MET B 121 7.24 14.11 13.63
N ARG B 122 8.50 14.53 13.58
CA ARG B 122 9.38 14.46 14.74
C ARG B 122 9.72 15.90 15.15
N PRO B 123 9.86 16.16 16.46
CA PRO B 123 10.20 17.51 16.94
C PRO B 123 11.60 17.93 16.50
N ALA B 124 11.82 19.24 16.40
CA ALA B 124 13.11 19.78 15.97
C ALA B 124 14.30 19.30 16.81
N THR B 125 14.04 18.89 18.04
CA THR B 125 15.12 18.43 18.92
C THR B 125 15.30 16.92 18.94
N ALA B 126 14.64 16.24 18.01
CA ALA B 126 14.75 14.79 17.95
C ALA B 126 15.90 14.35 17.07
N ILE B 127 16.43 13.16 17.36
CA ILE B 127 17.51 12.58 16.59
C ILE B 127 16.91 12.17 15.24
N SER B 128 17.55 12.58 14.15
CA SER B 128 17.05 12.27 12.82
C SER B 128 15.70 12.98 12.61
N ALA B 129 15.65 14.27 12.95
CA ALA B 129 14.43 15.04 12.79
C ALA B 129 14.19 15.24 11.29
N ASP B 130 12.94 15.11 10.87
CA ASP B 130 12.59 15.25 9.46
C ASP B 130 12.30 16.68 8.97
N GLY B 131 12.05 17.59 9.91
CA GLY B 131 11.76 18.98 9.55
C GLY B 131 12.67 19.69 8.58
N PRO B 132 13.99 19.77 8.85
CA PRO B 132 14.94 20.45 7.97
C PRO B 132 14.84 20.08 6.49
N MET B 133 14.87 18.77 6.19
CA MET B 133 14.78 18.32 4.80
C MET B 133 13.40 18.66 4.21
N ASN B 134 12.33 18.49 5.00
CA ASN B 134 10.99 18.81 4.51
C ASN B 134 10.90 20.28 4.12
N LEU B 135 11.50 21.16 4.93
CA LEU B 135 11.47 22.59 4.64
C LEU B 135 12.25 22.92 3.38
N LEU B 136 13.44 22.33 3.21
CA LEU B 136 14.24 22.58 2.01
C LEU B 136 13.48 22.15 0.75
N GLU B 137 12.82 21.01 0.83
CA GLU B 137 12.06 20.51 -0.30
C GLU B 137 10.86 21.40 -0.63
N ALA B 138 10.18 21.92 0.40
CA ALA B 138 9.02 22.79 0.19
C ALA B 138 9.40 24.08 -0.53
N VAL B 139 10.52 24.67 -0.16
CA VAL B 139 10.98 25.90 -0.78
C VAL B 139 11.40 25.65 -2.23
N ARG B 140 11.99 24.49 -2.48
CA ARG B 140 12.40 24.14 -3.84
C ARG B 140 11.15 23.99 -4.70
N VAL B 141 10.09 23.39 -4.14
CA VAL B 141 8.85 23.21 -4.89
C VAL B 141 8.18 24.55 -5.15
N ALA B 142 8.09 25.39 -4.12
CA ALA B 142 7.45 26.70 -4.25
C ALA B 142 8.14 27.66 -5.21
N GLY B 143 9.44 27.48 -5.40
CA GLY B 143 10.19 28.35 -6.29
C GLY B 143 10.36 27.86 -7.72
N ASP B 144 9.89 26.65 -8.01
CA ASP B 144 10.03 26.12 -9.36
C ASP B 144 8.89 26.55 -10.27
N LYS B 145 9.24 27.00 -11.47
CA LYS B 145 8.25 27.46 -12.44
C LYS B 145 7.25 26.39 -12.87
N GLN B 146 7.65 25.11 -12.82
CA GLN B 146 6.76 24.02 -13.21
C GLN B 146 5.68 23.76 -12.16
N SER B 147 5.79 24.40 -10.99
CA SER B 147 4.83 24.22 -9.92
C SER B 147 3.57 25.07 -9.99
N ARG B 148 3.54 26.03 -10.91
CA ARG B 148 2.37 26.90 -11.04
C ARG B 148 1.11 26.18 -11.54
N GLY B 149 -0.04 26.63 -11.05
CA GLY B 149 -1.33 26.08 -11.46
C GLY B 149 -1.61 24.62 -11.14
N ARG B 150 -1.03 24.08 -10.08
CA ARG B 150 -1.26 22.69 -9.72
C ARG B 150 -2.14 22.54 -8.47
N GLY B 151 -2.57 23.67 -7.91
CA GLY B 151 -3.38 23.65 -6.72
C GLY B 151 -2.50 23.66 -5.48
N VAL B 152 -3.11 23.69 -4.30
CA VAL B 152 -2.34 23.70 -3.06
C VAL B 152 -1.72 22.33 -2.83
N MET B 153 -0.45 22.33 -2.44
CA MET B 153 0.28 21.09 -2.22
C MET B 153 0.78 20.94 -0.78
N VAL B 154 1.07 19.70 -0.41
CA VAL B 154 1.59 19.37 0.92
C VAL B 154 2.89 18.61 0.64
N VAL B 155 4.00 19.13 1.17
CA VAL B 155 5.31 18.51 0.96
C VAL B 155 5.90 17.94 2.25
N ILE B 156 6.25 16.66 2.19
CA ILE B 156 6.85 15.95 3.33
C ILE B 156 7.34 14.56 2.90
N ASN B 157 8.50 14.16 3.43
CA ASN B 157 9.07 12.84 3.14
C ASN B 157 9.33 12.59 1.65
N ASP B 158 9.89 13.59 0.97
CA ASP B 158 10.22 13.53 -0.47
C ASP B 158 9.03 13.46 -1.42
N ARG B 159 7.81 13.51 -0.89
CA ARG B 159 6.61 13.42 -1.72
C ARG B 159 5.85 14.75 -1.82
N ILE B 160 5.14 14.93 -2.94
CA ILE B 160 4.32 16.13 -3.17
C ILE B 160 2.87 15.63 -3.33
N GLY B 161 1.99 16.03 -2.42
CA GLY B 161 0.61 15.60 -2.51
C GLY B 161 -0.40 16.72 -2.67
N SER B 162 -1.50 16.43 -3.35
CA SER B 162 -2.56 17.42 -3.54
C SER B 162 -3.42 17.54 -2.28
N ALA B 163 -3.77 18.77 -1.90
CA ALA B 163 -4.61 19.01 -0.73
C ALA B 163 -5.95 18.28 -0.82
N ARG B 164 -6.41 18.02 -2.03
CA ARG B 164 -7.69 17.33 -2.24
C ARG B 164 -7.66 15.84 -1.95
N TYR B 165 -6.51 15.21 -2.15
CA TYR B 165 -6.37 13.76 -1.95
C TYR B 165 -5.56 13.31 -0.73
N ILE B 166 -4.54 14.09 -0.37
CA ILE B 166 -3.69 13.75 0.76
C ILE B 166 -4.38 13.76 2.12
N THR B 167 -3.95 12.87 3.01
CA THR B 167 -4.50 12.74 4.36
C THR B 167 -3.47 12.02 5.24
N LYS B 168 -3.50 12.27 6.55
CA LYS B 168 -2.59 11.61 7.47
C LYS B 168 -3.18 10.22 7.71
N THR B 169 -2.49 9.18 7.23
CA THR B 169 -3.00 7.81 7.35
C THR B 169 -2.49 7.01 8.54
N ASN B 170 -1.44 7.49 9.18
CA ASN B 170 -0.87 6.78 10.33
C ASN B 170 -0.69 7.77 11.46
N ALA B 171 -0.97 7.32 12.68
CA ALA B 171 -0.85 8.18 13.84
C ALA B 171 0.57 8.64 14.18
N SER B 172 1.57 7.79 13.95
CA SER B 172 2.94 8.13 14.36
C SER B 172 4.15 7.94 13.45
N THR B 173 3.97 7.53 12.20
CA THR B 173 5.12 7.29 11.30
C THR B 173 5.50 8.47 10.40
N LEU B 174 6.74 8.46 9.92
CA LEU B 174 7.23 9.52 9.03
C LEU B 174 6.57 9.47 7.65
N ASP B 175 6.21 8.28 7.20
CA ASP B 175 5.61 8.10 5.89
C ASP B 175 4.08 8.05 5.94
N THR B 176 3.51 8.71 6.96
CA THR B 176 2.07 8.76 7.18
C THR B 176 1.22 9.40 6.08
N PHE B 177 1.67 10.51 5.48
CA PHE B 177 0.88 11.15 4.44
C PHE B 177 0.89 10.40 3.11
N ARG B 178 -0.29 9.92 2.73
CA ARG B 178 -0.47 9.16 1.50
C ARG B 178 -1.86 9.36 0.90
N ALA B 179 -2.00 9.01 -0.37
CA ALA B 179 -3.26 9.07 -1.10
C ALA B 179 -3.27 7.71 -1.82
N ASN B 180 -3.74 6.69 -1.12
CA ASN B 180 -3.73 5.33 -1.62
C ASN B 180 -4.22 5.10 -3.06
N GLU B 181 -5.39 5.61 -3.39
CA GLU B 181 -5.96 5.41 -4.72
C GLU B 181 -5.53 6.44 -5.77
N GLU B 182 -5.13 7.62 -5.32
CA GLU B 182 -4.78 8.70 -6.24
C GLU B 182 -3.30 8.99 -6.45
N GLY B 183 -2.46 8.45 -5.57
CA GLY B 183 -1.04 8.68 -5.70
C GLY B 183 -0.59 10.11 -5.42
N TYR B 184 0.69 10.38 -5.66
CA TYR B 184 1.29 11.68 -5.46
C TYR B 184 1.39 12.47 -6.75
N LEU B 185 1.39 13.80 -6.64
CA LEU B 185 1.52 14.66 -7.81
C LEU B 185 2.94 14.55 -8.36
N GLY B 186 3.89 14.29 -7.46
CA GLY B 186 5.27 14.16 -7.86
C GLY B 186 6.16 13.81 -6.69
N VAL B 187 7.46 13.66 -6.93
CA VAL B 187 8.40 13.32 -5.86
C VAL B 187 9.67 14.13 -6.05
N ILE B 188 10.44 14.27 -4.98
CA ILE B 188 11.69 15.02 -5.00
C ILE B 188 12.84 14.12 -4.61
N ILE B 189 13.69 13.78 -5.57
CA ILE B 189 14.82 12.91 -5.35
C ILE B 189 16.10 13.52 -5.92
N GLY B 190 17.19 13.44 -5.16
CA GLY B 190 18.44 14.00 -5.62
C GLY B 190 18.32 15.46 -6.00
N ASN B 191 17.58 16.21 -5.17
CA ASN B 191 17.36 17.63 -5.38
C ASN B 191 16.74 18.00 -6.71
N ARG B 192 16.01 17.05 -7.31
CA ARG B 192 15.33 17.28 -8.58
C ARG B 192 13.85 16.92 -8.42
N ILE B 193 12.97 17.71 -9.02
CA ILE B 193 11.53 17.49 -8.94
C ILE B 193 11.02 16.65 -10.12
N TYR B 194 10.27 15.59 -9.81
CA TYR B 194 9.72 14.73 -10.83
C TYR B 194 8.19 14.75 -10.75
N TYR B 195 7.53 15.54 -11.60
CA TYR B 195 6.07 15.61 -11.60
C TYR B 195 5.47 14.45 -12.36
N GLN B 196 4.45 13.82 -11.76
CA GLN B 196 3.79 12.67 -12.33
C GLN B 196 2.34 12.87 -12.79
N ASN B 197 1.57 13.60 -11.99
CA ASN B 197 0.15 13.85 -12.26
C ASN B 197 -0.26 15.30 -12.08
N ARG B 198 -1.47 15.59 -12.57
CA ARG B 198 -2.13 16.89 -12.44
C ARG B 198 -3.54 16.43 -12.06
N ILE B 199 -4.08 16.95 -10.96
CA ILE B 199 -5.43 16.50 -10.57
C ILE B 199 -6.50 16.98 -11.56
N ASP B 200 -7.51 16.15 -11.73
CA ASP B 200 -8.62 16.43 -12.65
C ASP B 200 -9.82 16.93 -11.85
N LYS B 201 -9.62 18.01 -11.08
CA LYS B 201 -10.67 18.62 -10.27
C LYS B 201 -10.52 20.14 -10.31
N LEU B 202 -11.57 20.87 -9.96
CA LEU B 202 -11.54 22.33 -9.94
C LEU B 202 -10.87 22.83 -8.67
N HIS B 203 -10.16 23.94 -8.77
CA HIS B 203 -9.46 24.53 -7.63
C HIS B 203 -8.98 25.95 -7.91
N THR B 204 -8.47 26.60 -6.86
CA THR B 204 -7.93 27.95 -6.93
C THR B 204 -8.59 28.96 -7.88
N THR B 205 -7.90 29.32 -8.95
CA THR B 205 -8.42 30.31 -9.88
C THR B 205 -9.75 29.95 -10.55
N ARG B 206 -10.08 28.67 -10.60
CA ARG B 206 -11.33 28.26 -11.23
C ARG B 206 -12.40 27.84 -10.23
N SER B 207 -12.25 28.28 -8.99
CA SER B 207 -13.20 27.96 -7.93
C SER B 207 -14.19 29.10 -7.69
N VAL B 208 -15.45 28.78 -7.42
CA VAL B 208 -16.46 29.81 -7.17
C VAL B 208 -16.44 30.31 -5.73
N PHE B 209 -15.71 29.63 -4.86
CA PHE B 209 -15.66 30.05 -3.47
C PHE B 209 -14.77 31.26 -3.28
N ASP B 210 -15.35 32.29 -2.67
CA ASP B 210 -14.65 33.55 -2.40
C ASP B 210 -15.01 34.01 -1.00
N VAL B 211 -14.05 33.96 -0.08
CA VAL B 211 -14.32 34.35 1.30
C VAL B 211 -13.76 35.70 1.72
N ARG B 212 -13.21 36.46 0.77
CA ARG B 212 -12.70 37.77 1.12
C ARG B 212 -13.93 38.61 1.49
N GLY B 213 -13.99 39.06 2.74
CA GLY B 213 -15.13 39.84 3.17
C GLY B 213 -16.00 39.10 4.17
N LEU B 214 -15.75 37.81 4.34
CA LEU B 214 -16.51 37.01 5.30
C LEU B 214 -15.79 37.08 6.64
N THR B 215 -16.54 36.99 7.73
CA THR B 215 -15.93 37.05 9.06
C THR B 215 -16.27 35.83 9.91
N SER B 216 -17.27 35.07 9.49
CA SER B 216 -17.69 33.88 10.22
C SER B 216 -18.07 32.75 9.26
N LEU B 217 -18.12 31.52 9.77
CA LEU B 217 -18.44 30.36 8.95
C LEU B 217 -19.60 29.56 9.53
N PRO B 218 -20.39 28.90 8.66
CA PRO B 218 -21.51 28.09 9.12
C PRO B 218 -21.02 26.95 10.02
N LYS B 219 -21.82 26.56 10.99
CA LYS B 219 -21.44 25.50 11.92
C LYS B 219 -21.75 24.11 11.33
N VAL B 220 -20.73 23.25 11.30
CA VAL B 220 -20.86 21.90 10.76
C VAL B 220 -20.12 20.91 11.67
N ASP B 221 -20.83 19.86 12.08
CA ASP B 221 -20.25 18.84 12.95
C ASP B 221 -20.18 17.48 12.25
N ILE B 222 -19.36 16.58 12.79
CA ILE B 222 -19.17 15.24 12.23
C ILE B 222 -19.59 14.17 13.23
N LEU B 223 -20.44 13.23 12.79
CA LEU B 223 -20.87 12.14 13.66
C LEU B 223 -20.42 10.81 13.07
N TYR B 224 -19.99 9.89 13.94
CA TYR B 224 -19.48 8.58 13.52
C TYR B 224 -20.56 7.50 13.41
N GLY B 225 -20.32 6.52 12.54
CA GLY B 225 -21.25 5.42 12.34
C GLY B 225 -20.60 4.13 12.84
N TYR B 226 -21.33 3.37 13.65
CA TYR B 226 -20.85 2.11 14.22
C TYR B 226 -22.03 1.33 14.78
N GLN B 227 -21.82 0.08 15.17
CA GLN B 227 -22.91 -0.73 15.73
C GLN B 227 -23.44 -0.05 17.00
N ASP B 228 -24.77 -0.02 17.16
CA ASP B 228 -25.41 0.59 18.32
C ASP B 228 -25.30 2.12 18.38
N ASP B 229 -25.02 2.77 17.25
CA ASP B 229 -24.91 4.24 17.27
C ASP B 229 -26.20 4.88 17.77
N PRO B 230 -26.09 5.86 18.69
CA PRO B 230 -27.19 6.59 19.31
C PRO B 230 -27.86 7.72 18.52
N GLU B 231 -29.17 7.79 18.67
CA GLU B 231 -29.98 8.80 18.01
C GLU B 231 -29.80 10.17 18.69
N TYR B 232 -29.57 10.16 20.00
CA TYR B 232 -29.44 11.41 20.76
C TYR B 232 -28.31 12.35 20.34
N LEU B 233 -27.29 11.85 19.64
CA LEU B 233 -26.20 12.71 19.20
C LEU B 233 -26.69 13.66 18.12
N TYR B 234 -27.64 13.20 17.32
CA TYR B 234 -28.22 14.03 16.27
C TYR B 234 -29.06 15.14 16.91
N ASP B 235 -29.85 14.76 17.92
CA ASP B 235 -30.69 15.73 18.63
C ASP B 235 -29.85 16.81 19.29
N ALA B 236 -28.72 16.42 19.86
CA ALA B 236 -27.83 17.36 20.53
C ALA B 236 -27.30 18.37 19.52
N ALA B 237 -26.83 17.88 18.37
CA ALA B 237 -26.32 18.74 17.32
C ALA B 237 -27.38 19.73 16.84
N ILE B 238 -28.59 19.24 16.64
CA ILE B 238 -29.69 20.09 16.19
C ILE B 238 -30.00 21.18 17.22
N GLN B 239 -30.03 20.79 18.49
CA GLN B 239 -30.30 21.73 19.59
C GLN B 239 -29.28 22.85 19.62
N HIS B 240 -28.04 22.57 19.21
CA HIS B 240 -27.01 23.58 19.24
C HIS B 240 -26.79 24.36 17.95
N GLY B 241 -27.84 24.42 17.14
CA GLY B 241 -27.80 25.17 15.89
C GLY B 241 -26.83 24.84 14.77
N VAL B 242 -26.51 23.56 14.55
CA VAL B 242 -25.62 23.26 13.44
C VAL B 242 -26.43 23.45 12.15
N LYS B 243 -25.74 23.81 11.08
CA LYS B 243 -26.40 24.03 9.80
C LYS B 243 -26.13 22.84 8.87
N GLY B 244 -25.14 22.03 9.22
CA GLY B 244 -24.81 20.86 8.43
C GLY B 244 -24.23 19.75 9.27
N ILE B 245 -24.42 18.51 8.84
CA ILE B 245 -23.89 17.34 9.55
C ILE B 245 -23.18 16.41 8.57
N VAL B 246 -21.92 16.09 8.87
CA VAL B 246 -21.15 15.16 8.04
C VAL B 246 -21.15 13.83 8.77
N TYR B 247 -21.58 12.78 8.08
CA TYR B 247 -21.66 11.45 8.68
C TYR B 247 -20.53 10.54 8.20
N ALA B 248 -19.66 10.15 9.13
CA ALA B 248 -18.55 9.26 8.80
C ALA B 248 -19.15 7.86 8.91
N GLY B 249 -19.83 7.43 7.86
CA GLY B 249 -20.52 6.14 7.89
C GLY B 249 -19.80 4.82 7.71
N MET B 250 -20.55 3.77 8.01
CA MET B 250 -20.07 2.40 7.87
C MET B 250 -20.06 2.11 6.37
N GLY B 251 -19.01 1.45 5.90
CA GLY B 251 -18.94 1.14 4.47
C GLY B 251 -19.20 2.34 3.58
N ALA B 252 -20.00 2.13 2.54
CA ALA B 252 -20.33 3.20 1.59
C ALA B 252 -21.44 4.12 2.11
N GLY B 253 -21.23 4.69 3.30
CA GLY B 253 -22.21 5.57 3.88
C GLY B 253 -23.50 4.92 4.34
N SER B 254 -23.45 3.63 4.67
CA SER B 254 -24.64 2.91 5.15
C SER B 254 -25.09 3.49 6.48
N VAL B 255 -26.40 3.40 6.75
CA VAL B 255 -26.99 3.94 7.98
C VAL B 255 -27.91 2.95 8.72
N SER B 256 -27.85 2.95 10.04
CA SER B 256 -28.69 2.06 10.84
C SER B 256 -30.07 2.69 11.02
N VAL B 257 -31.01 1.93 11.58
CA VAL B 257 -32.35 2.44 11.80
C VAL B 257 -32.35 3.64 12.75
N ARG B 258 -31.36 3.68 13.65
CA ARG B 258 -31.25 4.78 14.59
C ARG B 258 -30.65 6.02 13.93
N GLY B 259 -29.69 5.81 13.03
CA GLY B 259 -29.07 6.93 12.34
C GLY B 259 -30.04 7.57 11.36
N ILE B 260 -30.86 6.75 10.72
CA ILE B 260 -31.82 7.28 9.76
C ILE B 260 -32.85 8.16 10.49
N ALA B 261 -33.26 7.74 11.69
CA ALA B 261 -34.21 8.52 12.49
C ALA B 261 -33.56 9.86 12.85
N GLY B 262 -32.28 9.82 13.19
CA GLY B 262 -31.56 11.04 13.52
C GLY B 262 -31.44 11.97 12.34
N MET B 263 -31.12 11.40 11.17
CA MET B 263 -30.98 12.21 9.95
C MET B 263 -32.31 12.81 9.50
N ARG B 264 -33.40 12.06 9.69
CA ARG B 264 -34.70 12.57 9.30
C ARG B 264 -35.14 13.75 10.18
N LYS B 265 -34.77 13.72 11.46
CA LYS B 265 -35.10 14.83 12.35
C LYS B 265 -34.32 16.07 11.95
N ALA B 266 -33.06 15.86 11.56
CA ALA B 266 -32.20 16.96 11.15
C ALA B 266 -32.74 17.65 9.90
N LEU B 267 -33.15 16.86 8.90
CA LEU B 267 -33.70 17.40 7.66
C LEU B 267 -34.99 18.14 7.92
N GLU B 268 -35.81 17.61 8.82
CA GLU B 268 -37.08 18.24 9.16
C GLU B 268 -36.81 19.63 9.75
N LYS B 269 -35.66 19.79 10.38
CA LYS B 269 -35.29 21.06 11.00
C LYS B 269 -34.37 21.97 10.17
N GLY B 270 -34.28 21.71 8.86
CA GLY B 270 -33.48 22.55 7.99
C GLY B 270 -31.98 22.31 7.90
N VAL B 271 -31.50 21.24 8.53
CA VAL B 271 -30.08 20.90 8.52
C VAL B 271 -29.72 20.09 7.26
N VAL B 272 -28.57 20.37 6.66
CA VAL B 272 -28.13 19.63 5.48
C VAL B 272 -27.29 18.42 5.90
N VAL B 273 -27.65 17.24 5.38
CA VAL B 273 -26.96 15.99 5.72
C VAL B 273 -26.07 15.47 4.58
N MET B 274 -24.83 15.16 4.92
CA MET B 274 -23.85 14.66 3.94
C MET B 274 -23.30 13.31 4.41
N ARG B 275 -23.51 12.27 3.60
CA ARG B 275 -23.03 10.93 3.94
C ARG B 275 -21.66 10.64 3.35
N SER B 276 -20.69 10.39 4.24
CA SER B 276 -19.32 10.06 3.85
C SER B 276 -19.01 8.65 4.39
N THR B 277 -17.72 8.34 4.58
CA THR B 277 -17.34 7.01 5.06
C THR B 277 -16.20 7.02 6.09
N ARG B 278 -16.25 6.09 7.02
CA ARG B 278 -15.22 5.96 8.05
C ARG B 278 -14.05 5.07 7.58
N THR B 279 -14.25 4.34 6.48
CA THR B 279 -13.24 3.42 5.97
C THR B 279 -11.86 3.99 5.67
N GLY B 280 -11.82 5.21 5.14
CA GLY B 280 -10.55 5.83 4.84
C GLY B 280 -10.26 6.12 3.37
N ASN B 281 -10.90 5.39 2.46
CA ASN B 281 -10.68 5.57 1.02
C ASN B 281 -11.92 5.22 0.19
N GLY B 282 -11.92 5.61 -1.08
CA GLY B 282 -13.01 5.26 -1.96
C GLY B 282 -14.20 6.18 -2.17
N ILE B 283 -15.09 5.71 -3.03
CA ILE B 283 -16.30 6.42 -3.43
C ILE B 283 -17.56 6.04 -2.65
N VAL B 284 -18.32 7.04 -2.22
CA VAL B 284 -19.60 6.80 -1.55
C VAL B 284 -20.54 7.17 -2.71
N PRO B 285 -21.17 6.17 -3.34
CA PRO B 285 -22.07 6.37 -4.47
C PRO B 285 -23.49 6.83 -4.14
N PRO B 286 -24.16 7.47 -5.11
CA PRO B 286 -25.53 7.96 -4.92
C PRO B 286 -26.45 6.79 -4.57
N ASP B 287 -27.50 7.08 -3.80
CA ASP B 287 -28.48 6.07 -3.41
C ASP B 287 -29.75 6.81 -3.02
N GLU B 288 -30.73 6.84 -3.93
CA GLU B 288 -31.97 7.54 -3.68
C GLU B 288 -32.88 6.89 -2.64
N GLU B 289 -32.48 5.73 -2.14
CA GLU B 289 -33.28 5.04 -1.12
C GLU B 289 -32.96 5.65 0.24
N LEU B 290 -31.75 6.18 0.37
CA LEU B 290 -31.29 6.77 1.63
C LEU B 290 -31.38 8.29 1.63
N PRO B 291 -31.50 8.90 2.82
CA PRO B 291 -31.59 10.35 2.93
C PRO B 291 -30.21 11.01 2.89
N GLY B 292 -30.17 12.31 2.62
CA GLY B 292 -28.91 13.03 2.56
C GLY B 292 -28.22 13.01 1.21
N LEU B 293 -27.10 13.72 1.14
CA LEU B 293 -26.28 13.80 -0.07
C LEU B 293 -25.08 12.86 0.15
N VAL B 294 -24.26 12.65 -0.89
CA VAL B 294 -23.09 11.78 -0.78
C VAL B 294 -21.78 12.54 -1.07
N SER B 295 -20.70 12.14 -0.39
CA SER B 295 -19.43 12.83 -0.50
C SER B 295 -18.42 12.46 -1.60
N ASP B 296 -18.82 11.65 -2.58
CA ASP B 296 -17.89 11.27 -3.65
C ASP B 296 -16.69 10.63 -2.93
N SER B 297 -15.46 11.00 -3.31
CA SER B 297 -14.29 10.43 -2.64
C SER B 297 -13.71 11.27 -1.51
N LEU B 298 -14.44 12.30 -1.07
CA LEU B 298 -13.96 13.15 0.03
C LEU B 298 -14.11 12.43 1.37
N ASN B 299 -13.04 12.41 2.18
CA ASN B 299 -13.13 11.78 3.50
C ASN B 299 -13.88 12.73 4.44
N PRO B 300 -14.27 12.28 5.65
CA PRO B 300 -15.00 13.17 6.57
C PRO B 300 -14.40 14.56 6.85
N ALA B 301 -13.08 14.62 7.06
CA ALA B 301 -12.43 15.90 7.34
C ALA B 301 -12.52 16.84 6.15
N HIS B 302 -12.26 16.33 4.95
CA HIS B 302 -12.33 17.15 3.74
C HIS B 302 -13.78 17.53 3.43
N ALA B 303 -14.68 16.59 3.69
CA ALA B 303 -16.10 16.81 3.42
C ALA B 303 -16.66 17.97 4.24
N ARG B 304 -16.23 18.09 5.49
CA ARG B 304 -16.72 19.17 6.36
C ARG B 304 -16.28 20.54 5.85
N ILE B 305 -15.05 20.64 5.35
CA ILE B 305 -14.55 21.91 4.81
C ILE B 305 -15.37 22.35 3.59
N LEU B 306 -15.61 21.44 2.65
CA LEU B 306 -16.38 21.80 1.46
C LEU B 306 -17.84 22.12 1.78
N LEU B 307 -18.42 21.45 2.78
CA LEU B 307 -19.82 21.71 3.15
C LEU B 307 -19.97 23.07 3.81
N MET B 308 -19.00 23.46 4.62
CA MET B 308 -19.03 24.77 5.30
C MET B 308 -18.96 25.89 4.27
N LEU B 309 -18.09 25.74 3.29
CA LEU B 309 -17.92 26.75 2.25
C LEU B 309 -19.14 26.79 1.34
N ALA B 310 -19.70 25.62 1.06
CA ALA B 310 -20.88 25.54 0.22
C ALA B 310 -22.08 26.27 0.83
N LEU B 311 -22.24 26.18 2.15
CA LEU B 311 -23.35 26.83 2.85
C LEU B 311 -23.23 28.35 2.92
N THR B 312 -22.08 28.90 2.51
CA THR B 312 -21.93 30.35 2.52
C THR B 312 -22.49 30.88 1.18
N ARG B 313 -22.74 29.98 0.25
CA ARG B 313 -23.23 30.36 -1.08
C ARG B 313 -24.65 29.92 -1.40
N THR B 314 -25.07 28.79 -0.84
CA THR B 314 -26.40 28.29 -1.15
C THR B 314 -26.88 27.26 -0.13
N SER B 315 -28.15 26.90 -0.24
CA SER B 315 -28.76 25.88 0.62
C SER B 315 -29.46 24.88 -0.29
N ASP B 316 -29.21 25.01 -1.60
CA ASP B 316 -29.81 24.14 -2.59
C ASP B 316 -29.04 22.81 -2.68
N PRO B 317 -29.69 21.70 -2.30
CA PRO B 317 -29.12 20.35 -2.32
C PRO B 317 -28.54 19.90 -3.67
N LYS B 318 -29.20 20.28 -4.76
CA LYS B 318 -28.73 19.89 -6.08
C LYS B 318 -27.40 20.56 -6.42
N VAL B 319 -27.26 21.82 -6.02
CA VAL B 319 -26.04 22.57 -6.28
C VAL B 319 -24.92 22.03 -5.40
N ILE B 320 -25.20 21.83 -4.12
CA ILE B 320 -24.20 21.32 -3.19
C ILE B 320 -23.68 19.96 -3.65
N GLN B 321 -24.58 19.08 -4.09
CA GLN B 321 -24.17 17.75 -4.55
C GLN B 321 -23.22 17.85 -5.74
N GLU B 322 -23.47 18.79 -6.64
CA GLU B 322 -22.63 18.99 -7.81
C GLU B 322 -21.23 19.45 -7.39
N TYR B 323 -21.15 20.28 -6.35
CA TYR B 323 -19.87 20.76 -5.85
C TYR B 323 -19.01 19.57 -5.43
N PHE B 324 -19.64 18.62 -4.75
CA PHE B 324 -18.94 17.44 -4.26
C PHE B 324 -18.41 16.49 -5.35
N HIS B 325 -18.92 16.63 -6.57
CA HIS B 325 -18.45 15.79 -7.68
C HIS B 325 -17.41 16.52 -8.54
N THR B 326 -17.22 17.82 -8.29
CA THR B 326 -16.29 18.61 -9.09
C THR B 326 -15.09 19.23 -8.37
N TYR B 327 -15.18 19.38 -7.04
CA TYR B 327 -14.08 19.96 -6.27
C TYR B 327 -13.30 18.95 -5.44
N LEU C 4 -25.13 6.06 -29.82
CA LEU C 4 -24.39 4.86 -29.34
C LEU C 4 -23.03 4.81 -30.03
N PRO C 5 -21.93 4.81 -29.23
CA PRO C 5 -20.57 4.76 -29.75
C PRO C 5 -20.20 3.48 -30.47
N ASN C 6 -19.37 3.61 -31.50
CA ASN C 6 -18.90 2.46 -32.29
C ASN C 6 -17.58 1.99 -31.69
N ILE C 7 -17.60 0.79 -31.13
CA ILE C 7 -16.42 0.22 -30.49
C ILE C 7 -15.95 -1.08 -31.13
N VAL C 8 -14.67 -1.14 -31.49
CA VAL C 8 -14.11 -2.36 -32.08
C VAL C 8 -13.34 -3.10 -30.99
N ILE C 9 -13.62 -4.39 -30.83
CA ILE C 9 -12.93 -5.21 -29.85
C ILE C 9 -11.95 -6.09 -30.61
N LEU C 10 -10.66 -5.85 -30.38
CA LEU C 10 -9.58 -6.57 -31.03
C LEU C 10 -9.00 -7.61 -30.06
N ALA C 11 -9.10 -8.89 -30.42
CA ALA C 11 -8.59 -9.97 -29.56
C ALA C 11 -7.21 -10.46 -29.96
N THR C 12 -6.33 -10.60 -28.96
CA THR C 12 -4.96 -11.06 -29.20
C THR C 12 -4.65 -12.33 -28.41
N GLY C 13 -5.48 -12.62 -27.42
CA GLY C 13 -5.27 -13.80 -26.60
C GLY C 13 -5.60 -13.56 -25.14
N GLY C 14 -5.02 -14.36 -24.26
CA GLY C 14 -5.29 -14.22 -22.84
C GLY C 14 -6.39 -15.19 -22.44
N THR C 15 -6.49 -15.48 -21.13
CA THR C 15 -7.50 -16.39 -20.63
C THR C 15 -8.90 -15.77 -20.58
N ILE C 16 -8.98 -14.49 -20.94
CA ILE C 16 -10.25 -13.78 -20.93
C ILE C 16 -11.23 -14.32 -21.98
N ALA C 17 -10.70 -14.84 -23.08
CA ALA C 17 -11.52 -15.39 -24.14
C ALA C 17 -12.04 -16.75 -23.70
N GLY C 35 -13.40 -17.69 -29.37
CA GLY C 35 -12.90 -16.50 -30.10
C GLY C 35 -13.43 -15.19 -29.54
N VAL C 36 -13.36 -14.14 -30.34
CA VAL C 36 -13.84 -12.82 -29.93
C VAL C 36 -15.37 -12.74 -30.02
N ASP C 37 -15.95 -13.54 -30.89
CA ASP C 37 -17.40 -13.55 -31.06
C ASP C 37 -18.13 -14.20 -29.89
N THR C 38 -17.70 -15.41 -29.51
CA THR C 38 -18.33 -16.09 -28.38
C THR C 38 -18.06 -15.28 -27.12
N LEU C 39 -16.98 -14.52 -27.12
CA LEU C 39 -16.60 -13.67 -26.00
C LEU C 39 -17.70 -12.62 -25.83
N ILE C 40 -18.03 -11.97 -26.94
CA ILE C 40 -19.04 -10.92 -26.97
C ILE C 40 -20.44 -11.45 -26.62
N ASN C 41 -20.74 -12.67 -27.04
CA ASN C 41 -22.05 -13.24 -26.77
C ASN C 41 -22.15 -13.84 -25.37
N ALA C 42 -21.00 -14.08 -24.74
CA ALA C 42 -20.97 -14.63 -23.39
C ALA C 42 -21.32 -13.54 -22.38
N VAL C 43 -21.25 -12.29 -22.82
CA VAL C 43 -21.57 -11.15 -21.96
C VAL C 43 -22.33 -10.11 -22.79
N PRO C 44 -23.60 -10.41 -23.11
CA PRO C 44 -24.52 -9.59 -23.90
C PRO C 44 -24.78 -8.16 -23.40
N GLU C 45 -24.48 -7.90 -22.13
CA GLU C 45 -24.70 -6.56 -21.58
C GLU C 45 -23.92 -5.46 -22.29
N VAL C 46 -22.82 -5.81 -22.95
CA VAL C 46 -22.04 -4.79 -23.65
C VAL C 46 -22.80 -4.20 -24.83
N LYS C 47 -23.73 -4.97 -25.38
CA LYS C 47 -24.52 -4.50 -26.52
C LYS C 47 -25.41 -3.32 -26.18
N LYS C 48 -25.63 -3.09 -24.89
CA LYS C 48 -26.47 -2.00 -24.44
C LYS C 48 -25.64 -0.72 -24.23
N LEU C 49 -24.33 -0.88 -24.16
CA LEU C 49 -23.44 0.25 -23.97
C LEU C 49 -22.87 0.79 -25.27
N ALA C 50 -22.86 -0.03 -26.31
CA ALA C 50 -22.34 0.41 -27.60
C ALA C 50 -22.57 -0.57 -28.73
N ASN C 51 -22.29 -0.11 -29.95
CA ASN C 51 -22.42 -0.93 -31.13
C ASN C 51 -21.01 -1.47 -31.32
N VAL C 52 -20.79 -2.71 -30.89
CA VAL C 52 -19.46 -3.32 -30.97
C VAL C 52 -19.23 -4.21 -32.19
N LYS C 53 -17.97 -4.28 -32.62
CA LYS C 53 -17.54 -5.09 -33.75
C LYS C 53 -16.28 -5.83 -33.29
N GLY C 54 -16.30 -7.16 -33.39
CA GLY C 54 -15.16 -7.94 -32.96
C GLY C 54 -14.21 -8.31 -34.09
N GLU C 55 -12.92 -8.39 -33.78
CA GLU C 55 -11.91 -8.74 -34.77
C GLU C 55 -10.81 -9.58 -34.13
N GLN C 56 -10.53 -10.73 -34.73
CA GLN C 56 -9.49 -11.61 -34.22
C GLN C 56 -8.16 -11.19 -34.81
N PHE C 57 -7.24 -10.75 -33.95
CA PHE C 57 -5.93 -10.32 -34.39
C PHE C 57 -4.92 -11.45 -34.25
N SER C 58 -5.03 -12.18 -33.15
CA SER C 58 -4.14 -13.30 -32.88
C SER C 58 -4.75 -14.08 -31.73
N ASN C 59 -4.07 -15.14 -31.31
CA ASN C 59 -4.61 -15.93 -30.21
C ASN C 59 -3.52 -16.72 -29.51
N MET C 60 -2.82 -16.06 -28.60
CA MET C 60 -1.74 -16.70 -27.87
C MET C 60 -1.58 -16.13 -26.47
N ALA C 61 -0.92 -16.89 -25.60
CA ALA C 61 -0.68 -16.46 -24.23
C ALA C 61 0.29 -15.27 -24.32
N SER C 62 0.13 -14.30 -23.42
CA SER C 62 0.98 -13.11 -23.48
C SER C 62 2.48 -13.35 -23.34
N GLU C 63 2.89 -14.44 -22.69
CA GLU C 63 4.32 -14.71 -22.54
C GLU C 63 4.98 -15.03 -23.88
N ASN C 64 4.17 -15.27 -24.90
CA ASN C 64 4.69 -15.57 -26.24
C ASN C 64 4.49 -14.42 -27.22
N MET C 65 4.11 -13.25 -26.69
CA MET C 65 3.92 -12.08 -27.53
C MET C 65 5.32 -11.54 -27.86
N THR C 66 5.58 -11.28 -29.13
CA THR C 66 6.88 -10.79 -29.56
C THR C 66 6.79 -9.37 -30.12
N GLY C 67 7.95 -8.72 -30.18
CA GLY C 67 8.01 -7.35 -30.67
C GLY C 67 7.45 -7.11 -32.06
N ASP C 68 7.59 -8.08 -32.95
CA ASP C 68 7.09 -7.91 -34.31
C ASP C 68 5.57 -8.01 -34.41
N VAL C 69 4.96 -8.76 -33.49
CA VAL C 69 3.50 -8.89 -33.49
C VAL C 69 2.91 -7.61 -32.89
N VAL C 70 3.56 -7.08 -31.86
CA VAL C 70 3.12 -5.86 -31.21
C VAL C 70 3.21 -4.70 -32.20
N LEU C 71 4.27 -4.72 -33.03
CA LEU C 71 4.47 -3.70 -34.04
C LEU C 71 3.28 -3.71 -35.00
N LYS C 72 2.87 -4.91 -35.39
CA LYS C 72 1.74 -5.09 -36.30
C LYS C 72 0.44 -4.64 -35.64
N LEU C 73 0.30 -4.91 -34.34
CA LEU C 73 -0.91 -4.53 -33.58
C LEU C 73 -1.04 -3.02 -33.55
N SER C 74 0.08 -2.35 -33.30
CA SER C 74 0.09 -0.89 -33.25
C SER C 74 -0.36 -0.29 -34.57
N GLN C 75 0.17 -0.83 -35.67
CA GLN C 75 -0.16 -0.32 -37.01
C GLN C 75 -1.63 -0.54 -37.36
N ARG C 76 -2.18 -1.68 -36.95
CA ARG C 76 -3.58 -2.00 -37.20
C ARG C 76 -4.49 -1.04 -36.41
N VAL C 77 -4.16 -0.76 -35.14
CA VAL C 77 -4.96 0.16 -34.33
C VAL C 77 -4.91 1.59 -34.90
N ASN C 78 -3.73 2.01 -35.37
CA ASN C 78 -3.58 3.34 -35.96
C ASN C 78 -4.50 3.46 -37.19
N GLU C 79 -4.62 2.35 -37.91
CA GLU C 79 -5.45 2.27 -39.12
C GLU C 79 -6.93 2.40 -38.75
N LEU C 80 -7.36 1.62 -37.75
CA LEU C 80 -8.75 1.63 -37.30
C LEU C 80 -9.19 2.98 -36.71
N LEU C 81 -8.36 3.57 -35.86
CA LEU C 81 -8.73 4.84 -35.23
C LEU C 81 -8.75 5.99 -36.23
N ALA C 82 -8.23 5.76 -37.44
CA ALA C 82 -8.22 6.81 -38.45
C ALA C 82 -9.59 6.92 -39.13
N ARG C 83 -10.41 5.88 -38.99
CA ARG C 83 -11.75 5.84 -39.58
C ARG C 83 -12.74 6.63 -38.73
N ASP C 84 -13.62 7.37 -39.39
CA ASP C 84 -14.61 8.18 -38.70
C ASP C 84 -15.75 7.37 -38.11
N ASP C 85 -15.83 6.09 -38.45
CA ASP C 85 -16.90 5.26 -37.92
C ASP C 85 -16.43 4.38 -36.76
N VAL C 86 -15.31 4.76 -36.14
CA VAL C 86 -14.77 4.03 -35.00
C VAL C 86 -14.49 5.07 -33.92
N ASP C 87 -15.14 4.93 -32.76
CA ASP C 87 -14.98 5.86 -31.66
C ASP C 87 -13.95 5.44 -30.62
N GLY C 88 -13.66 4.15 -30.55
CA GLY C 88 -12.68 3.65 -29.60
C GLY C 88 -12.38 2.19 -29.83
N VAL C 89 -11.29 1.70 -29.23
CA VAL C 89 -10.89 0.31 -29.39
C VAL C 89 -10.59 -0.34 -28.04
N VAL C 90 -10.99 -1.61 -27.90
CA VAL C 90 -10.75 -2.37 -26.68
C VAL C 90 -9.92 -3.57 -27.12
N ILE C 91 -8.79 -3.79 -26.45
CA ILE C 91 -7.90 -4.89 -26.81
C ILE C 91 -7.80 -5.92 -25.68
N THR C 92 -8.19 -7.17 -25.96
CA THR C 92 -8.09 -8.22 -24.95
C THR C 92 -6.67 -8.77 -25.06
N HIS C 93 -6.03 -9.02 -23.92
CA HIS C 93 -4.63 -9.44 -23.89
C HIS C 93 -4.37 -10.24 -22.61
N GLY C 94 -3.31 -11.03 -22.59
CA GLY C 94 -2.97 -11.80 -21.40
C GLY C 94 -2.39 -10.83 -20.38
N THR C 95 -2.52 -11.12 -19.09
CA THR C 95 -2.02 -10.23 -18.05
C THR C 95 -0.50 -10.15 -17.89
N ASP C 96 0.20 -11.26 -18.15
CA ASP C 96 1.65 -11.29 -17.95
C ASP C 96 2.49 -10.23 -18.64
N THR C 97 2.22 -9.92 -19.90
CA THR C 97 3.02 -8.89 -20.56
C THR C 97 2.17 -7.73 -21.10
N VAL C 98 0.96 -7.58 -20.58
CA VAL C 98 0.09 -6.51 -21.03
C VAL C 98 0.75 -5.13 -20.84
N GLU C 99 1.53 -4.97 -19.78
CA GLU C 99 2.16 -3.68 -19.51
C GLU C 99 3.20 -3.34 -20.59
N GLU C 100 3.72 -4.35 -21.27
CA GLU C 100 4.71 -4.14 -22.32
C GLU C 100 4.00 -3.72 -23.61
N SER C 101 3.00 -4.48 -24.03
CA SER C 101 2.24 -4.17 -25.23
C SER C 101 1.53 -2.82 -25.11
N ALA C 102 0.93 -2.56 -23.95
CA ALA C 102 0.20 -1.31 -23.71
C ALA C 102 1.09 -0.07 -23.78
N TYR C 103 2.28 -0.15 -23.24
CA TYR C 103 3.18 1.00 -23.26
C TYR C 103 3.72 1.24 -24.66
N PHE C 104 3.81 0.18 -25.46
CA PHE C 104 4.29 0.32 -26.84
C PHE C 104 3.26 1.14 -27.60
N LEU C 105 1.98 0.79 -27.48
CA LEU C 105 0.94 1.54 -28.17
C LEU C 105 0.78 2.95 -27.59
N HIS C 106 1.04 3.08 -26.29
CA HIS C 106 0.96 4.37 -25.60
C HIS C 106 1.88 5.38 -26.32
N LEU C 107 3.01 4.90 -26.86
CA LEU C 107 3.97 5.77 -27.53
C LEU C 107 3.85 5.86 -29.05
N THR C 108 3.12 4.92 -29.66
CA THR C 108 3.01 4.87 -31.12
C THR C 108 1.65 5.16 -31.78
N VAL C 109 0.57 5.19 -31.01
CA VAL C 109 -0.76 5.46 -31.57
C VAL C 109 -1.00 6.98 -31.69
N LYS C 110 -1.18 7.44 -32.92
CA LYS C 110 -1.39 8.86 -33.19
C LYS C 110 -2.85 9.28 -33.16
N SER C 111 -3.54 9.01 -32.05
CA SER C 111 -4.94 9.37 -31.95
C SER C 111 -5.36 9.79 -30.55
N ASP C 112 -6.43 10.56 -30.50
CA ASP C 112 -7.04 11.10 -29.29
C ASP C 112 -8.07 10.11 -28.75
N LYS C 113 -8.61 9.31 -29.66
CA LYS C 113 -9.62 8.31 -29.35
C LYS C 113 -9.09 7.29 -28.35
N PRO C 114 -9.95 6.84 -27.41
CA PRO C 114 -9.59 5.87 -26.37
C PRO C 114 -9.14 4.48 -26.85
N VAL C 115 -8.02 4.02 -26.29
CA VAL C 115 -7.47 2.70 -26.56
C VAL C 115 -7.38 2.07 -25.18
N VAL C 116 -8.16 1.02 -24.96
CA VAL C 116 -8.21 0.38 -23.65
C VAL C 116 -7.86 -1.11 -23.68
N PHE C 117 -6.82 -1.49 -22.92
CA PHE C 117 -6.45 -2.91 -22.84
C PHE C 117 -7.23 -3.50 -21.68
N VAL C 118 -7.73 -4.72 -21.85
CA VAL C 118 -8.46 -5.38 -20.78
C VAL C 118 -7.95 -6.82 -20.65
N ALA C 119 -8.01 -7.37 -19.45
CA ALA C 119 -7.54 -8.74 -19.21
C ALA C 119 -8.25 -9.34 -18.01
N ALA C 120 -7.91 -10.59 -17.68
CA ALA C 120 -8.53 -11.29 -16.55
C ALA C 120 -7.51 -12.18 -15.84
N MET C 121 -7.56 -12.20 -14.51
CA MET C 121 -6.64 -13.01 -13.72
C MET C 121 -7.13 -14.43 -13.50
N ARG C 122 -8.42 -14.66 -13.72
CA ARG C 122 -9.03 -15.98 -13.56
C ARG C 122 -9.60 -16.39 -14.93
N PRO C 123 -9.53 -17.70 -15.25
CA PRO C 123 -10.05 -18.19 -16.52
C PRO C 123 -11.57 -18.06 -16.62
N ALA C 124 -12.07 -17.90 -17.83
CA ALA C 124 -13.51 -17.74 -18.06
C ALA C 124 -14.37 -18.83 -17.45
N THR C 125 -13.80 -20.01 -17.24
CA THR C 125 -14.55 -21.12 -16.66
C THR C 125 -14.48 -21.18 -15.15
N ALA C 126 -13.73 -20.25 -14.56
CA ALA C 126 -13.57 -20.21 -13.11
C ALA C 126 -14.78 -19.64 -12.38
N ILE C 127 -14.96 -20.09 -11.15
CA ILE C 127 -16.04 -19.60 -10.31
C ILE C 127 -15.64 -18.17 -9.96
N SER C 128 -16.60 -17.24 -10.05
CA SER C 128 -16.34 -15.84 -9.75
C SER C 128 -15.30 -15.23 -10.71
N ALA C 129 -15.38 -15.59 -11.98
CA ALA C 129 -14.46 -15.08 -13.00
C ALA C 129 -14.56 -13.56 -13.09
N ASP C 130 -13.41 -12.90 -13.20
CA ASP C 130 -13.39 -11.44 -13.28
C ASP C 130 -13.50 -10.86 -14.69
N GLY C 131 -13.30 -11.69 -15.69
CA GLY C 131 -13.36 -11.24 -17.08
C GLY C 131 -14.63 -10.54 -17.52
N PRO C 132 -15.82 -11.11 -17.24
CA PRO C 132 -17.06 -10.46 -17.65
C PRO C 132 -17.19 -9.00 -17.19
N MET C 133 -17.02 -8.75 -15.89
CA MET C 133 -17.12 -7.37 -15.41
C MET C 133 -16.00 -6.47 -15.96
N ASN C 134 -14.78 -7.00 -16.06
CA ASN C 134 -13.67 -6.19 -16.59
C ASN C 134 -13.98 -5.71 -18.01
N LEU C 135 -14.53 -6.61 -18.83
CA LEU C 135 -14.88 -6.29 -20.21
C LEU C 135 -15.96 -5.22 -20.29
N LEU C 136 -17.00 -5.36 -19.46
CA LEU C 136 -18.09 -4.39 -19.45
C LEU C 136 -17.54 -3.00 -19.07
N GLU C 137 -16.65 -2.97 -18.09
CA GLU C 137 -16.07 -1.70 -17.66
C GLU C 137 -15.18 -1.05 -18.73
N ALA C 138 -14.40 -1.87 -19.44
CA ALA C 138 -13.52 -1.37 -20.49
C ALA C 138 -14.32 -0.74 -21.63
N VAL C 139 -15.46 -1.36 -21.96
CA VAL C 139 -16.31 -0.83 -23.03
C VAL C 139 -16.93 0.49 -22.60
N ARG C 140 -17.31 0.57 -21.33
CA ARG C 140 -17.91 1.80 -20.80
C ARG C 140 -16.89 2.95 -20.90
N VAL C 141 -15.64 2.67 -20.54
CA VAL C 141 -14.57 3.67 -20.59
C VAL C 141 -14.26 4.10 -22.04
N ALA C 142 -14.14 3.14 -22.95
CA ALA C 142 -13.84 3.42 -24.34
C ALA C 142 -14.93 4.24 -25.03
N GLY C 143 -16.17 4.09 -24.57
CA GLY C 143 -17.27 4.81 -25.18
C GLY C 143 -17.59 6.17 -24.57
N ASP C 144 -17.00 6.48 -23.43
CA ASP C 144 -17.25 7.75 -22.76
C ASP C 144 -16.44 8.91 -23.35
N LYS C 145 -17.11 10.00 -23.66
CA LYS C 145 -16.47 11.18 -24.24
C LYS C 145 -15.38 11.81 -23.35
N GLN C 146 -15.51 11.67 -22.04
CA GLN C 146 -14.52 12.25 -21.13
C GLN C 146 -13.24 11.41 -21.09
N SER C 147 -13.22 10.28 -21.78
CA SER C 147 -12.04 9.42 -21.81
C SER C 147 -11.02 9.82 -22.88
N ARG C 148 -11.38 10.79 -23.72
CA ARG C 148 -10.50 11.25 -24.78
C ARG C 148 -9.21 11.90 -24.31
N GLY C 149 -8.14 11.69 -25.07
CA GLY C 149 -6.84 12.27 -24.78
C GLY C 149 -6.14 11.99 -23.46
N ARG C 150 -6.38 10.83 -22.88
CA ARG C 150 -5.75 10.49 -21.59
C ARG C 150 -4.60 9.48 -21.73
N GLY C 151 -4.31 9.07 -22.97
CA GLY C 151 -3.26 8.10 -23.22
C GLY C 151 -3.83 6.69 -23.19
N VAL C 152 -2.99 5.70 -23.44
CA VAL C 152 -3.46 4.31 -23.41
C VAL C 152 -3.75 3.89 -21.97
N MET C 153 -4.85 3.18 -21.78
CA MET C 153 -5.27 2.75 -20.45
C MET C 153 -5.42 1.25 -20.30
N VAL C 154 -5.34 0.79 -19.05
CA VAL C 154 -5.50 -0.62 -18.70
C VAL C 154 -6.63 -0.63 -17.67
N VAL C 155 -7.71 -1.36 -18.00
CA VAL C 155 -8.87 -1.44 -17.13
C VAL C 155 -9.08 -2.83 -16.54
N ILE C 156 -9.09 -2.91 -15.21
CA ILE C 156 -9.27 -4.18 -14.53
C ILE C 156 -9.57 -3.96 -13.04
N ASN C 157 -10.44 -4.79 -12.48
CA ASN C 157 -10.81 -4.69 -11.06
C ASN C 157 -11.32 -3.29 -10.64
N ASP C 158 -12.22 -2.73 -11.45
CA ASP C 158 -12.82 -1.41 -11.21
C ASP C 158 -11.84 -0.24 -11.30
N ARG C 159 -10.60 -0.48 -11.71
CA ARG C 159 -9.63 0.61 -11.78
C ARG C 159 -9.21 0.96 -13.21
N ILE C 160 -8.79 2.20 -13.42
CA ILE C 160 -8.30 2.68 -14.73
C ILE C 160 -6.86 3.15 -14.53
N GLY C 161 -5.92 2.42 -15.12
CA GLY C 161 -4.52 2.77 -14.97
C GLY C 161 -3.83 3.22 -16.25
N SER C 162 -2.86 4.10 -16.14
CA SER C 162 -2.11 4.58 -17.29
C SER C 162 -1.08 3.53 -17.70
N ALA C 163 -0.91 3.33 -19.01
CA ALA C 163 0.06 2.35 -19.51
C ALA C 163 1.47 2.71 -19.03
N ARG C 164 1.73 4.00 -18.82
CA ARG C 164 3.05 4.44 -18.38
C ARG C 164 3.41 4.09 -16.92
N TYR C 165 2.41 4.01 -16.04
CA TYR C 165 2.66 3.70 -14.62
C TYR C 165 2.22 2.33 -14.11
N ILE C 166 1.18 1.76 -14.72
CA ILE C 166 0.64 0.48 -14.30
C ILE C 166 1.56 -0.73 -14.54
N THR C 167 1.54 -1.68 -13.61
CA THR C 167 2.34 -2.90 -13.70
C THR C 167 1.72 -4.03 -12.88
N LYS C 168 2.04 -5.27 -13.22
CA LYS C 168 1.53 -6.42 -12.49
C LYS C 168 2.46 -6.55 -11.28
N THR C 169 1.92 -6.32 -10.09
CA THR C 169 2.70 -6.36 -8.85
C THR C 169 2.62 -7.68 -8.09
N ASN C 170 1.64 -8.50 -8.41
CA ASN C 170 1.45 -9.78 -7.74
C ASN C 170 1.29 -10.88 -8.76
N ALA C 171 1.92 -12.01 -8.51
CA ALA C 171 1.88 -13.16 -9.41
C ALA C 171 0.50 -13.77 -9.63
N SER C 172 -0.35 -13.77 -8.60
CA SER C 172 -1.64 -14.44 -8.70
C SER C 172 -2.97 -13.82 -8.23
N THR C 173 -2.96 -12.61 -7.67
CA THR C 173 -4.20 -12.02 -7.16
C THR C 173 -5.01 -11.16 -8.15
N LEU C 174 -6.28 -10.96 -7.85
CA LEU C 174 -7.16 -10.15 -8.71
C LEU C 174 -6.79 -8.67 -8.69
N ASP C 175 -6.29 -8.20 -7.55
CA ASP C 175 -5.92 -6.80 -7.40
C ASP C 175 -4.45 -6.50 -7.73
N THR C 176 -3.86 -7.35 -8.55
CA THR C 176 -2.46 -7.24 -8.93
C THR C 176 -2.00 -5.94 -9.62
N PHE C 177 -2.82 -5.37 -10.50
CA PHE C 177 -2.41 -4.14 -11.20
C PHE C 177 -2.50 -2.86 -10.37
N ARG C 178 -1.34 -2.27 -10.08
CA ARG C 178 -1.26 -1.05 -9.27
C ARG C 178 -0.08 -0.15 -9.68
N ALA C 179 -0.18 1.12 -9.29
CA ALA C 179 0.86 2.12 -9.52
C ALA C 179 1.02 2.73 -8.12
N ASN C 180 1.83 2.08 -7.30
CA ASN C 180 2.01 2.50 -5.90
C ASN C 180 2.25 3.98 -5.64
N GLU C 181 3.14 4.60 -6.40
CA GLU C 181 3.45 6.03 -6.19
C GLU C 181 2.63 6.98 -7.04
N GLU C 182 2.13 6.47 -8.16
CA GLU C 182 1.38 7.30 -9.10
C GLU C 182 -0.15 7.21 -9.03
N GLY C 183 -0.68 6.18 -8.39
CA GLY C 183 -2.12 6.03 -8.28
C GLY C 183 -2.83 5.69 -9.58
N TYR C 184 -4.15 5.68 -9.56
CA TYR C 184 -4.94 5.39 -10.76
C TYR C 184 -5.45 6.66 -11.43
N LEU C 185 -5.76 6.56 -12.74
CA LEU C 185 -6.28 7.70 -13.47
C LEU C 185 -7.72 7.93 -13.01
N GLY C 186 -8.40 6.85 -12.67
CA GLY C 186 -9.77 6.93 -12.21
C GLY C 186 -10.30 5.59 -11.76
N VAL C 187 -11.55 5.55 -11.31
CA VAL C 187 -12.17 4.31 -10.86
C VAL C 187 -13.61 4.25 -11.40
N ILE C 188 -14.17 3.05 -11.42
CA ILE C 188 -15.53 2.85 -11.92
C ILE C 188 -16.38 2.16 -10.85
N ILE C 189 -17.34 2.90 -10.29
CA ILE C 189 -18.20 2.38 -9.24
C ILE C 189 -19.66 2.67 -9.59
N GLY C 190 -20.51 1.66 -9.46
CA GLY C 190 -21.93 1.83 -9.76
C GLY C 190 -22.23 2.35 -11.15
N ASN C 191 -21.53 1.80 -12.14
CA ASN C 191 -21.71 2.17 -13.54
C ASN C 191 -21.38 3.64 -13.85
N ARG C 192 -20.58 4.27 -13.01
CA ARG C 192 -20.20 5.66 -13.23
C ARG C 192 -18.68 5.79 -13.14
N ILE C 193 -18.11 6.62 -14.01
CA ILE C 193 -16.67 6.83 -14.04
C ILE C 193 -16.26 8.06 -13.25
N TYR C 194 -15.26 7.89 -12.39
CA TYR C 194 -14.74 8.97 -11.56
C TYR C 194 -13.28 9.19 -11.93
N TYR C 195 -13.01 10.21 -12.74
CA TYR C 195 -11.62 10.52 -13.15
C TYR C 195 -10.94 11.38 -12.10
N GLN C 196 -9.74 10.96 -11.73
CA GLN C 196 -8.96 11.62 -10.68
C GLN C 196 -7.72 12.39 -11.12
N ASN C 197 -6.95 11.81 -12.05
CA ASN C 197 -5.70 12.41 -12.52
C ASN C 197 -5.58 12.38 -14.04
N ARG C 198 -4.61 13.15 -14.53
CA ARG C 198 -4.20 13.22 -15.93
C ARG C 198 -2.68 13.08 -15.81
N ILE C 199 -2.05 12.17 -16.55
CA ILE C 199 -0.61 12.05 -16.40
C ILE C 199 0.12 13.24 -17.00
N ASP C 200 1.24 13.59 -16.37
CA ASP C 200 2.04 14.74 -16.79
C ASP C 200 3.25 14.28 -17.61
N LYS C 201 2.98 13.50 -18.67
CA LYS C 201 4.01 12.98 -19.58
C LYS C 201 3.50 13.06 -21.03
N LEU C 202 4.42 12.95 -21.99
CA LEU C 202 4.03 12.99 -23.40
C LEU C 202 3.59 11.60 -23.85
N HIS C 203 2.63 11.54 -24.76
CA HIS C 203 2.14 10.27 -25.28
C HIS C 203 1.30 10.46 -26.54
N THR C 204 0.90 9.35 -27.15
CA THR C 204 0.07 9.32 -28.35
C THR C 204 0.28 10.47 -29.34
N THR C 205 -0.71 11.37 -29.44
CA THR C 205 -0.63 12.49 -30.38
C THR C 205 0.59 13.41 -30.31
N ARG C 206 1.27 13.46 -29.18
CA ARG C 206 2.45 14.32 -29.08
C ARG C 206 3.76 13.56 -28.98
N SER C 207 3.74 12.31 -29.42
CA SER C 207 4.93 11.47 -29.39
C SER C 207 5.66 11.56 -30.74
N VAL C 208 6.98 11.49 -30.71
CA VAL C 208 7.77 11.58 -31.94
C VAL C 208 7.95 10.22 -32.61
N PHE C 209 7.61 9.15 -31.90
CA PHE C 209 7.79 7.81 -32.43
C PHE C 209 6.82 7.39 -33.54
N ASP C 210 7.36 7.28 -34.75
CA ASP C 210 6.60 6.91 -35.94
C ASP C 210 7.05 5.51 -36.36
N VAL C 211 6.12 4.56 -36.42
CA VAL C 211 6.47 3.20 -36.80
C VAL C 211 5.85 2.70 -38.11
N ARG C 212 5.32 3.61 -38.90
CA ARG C 212 4.74 3.23 -40.19
C ARG C 212 5.80 2.56 -41.07
N GLY C 213 5.44 1.44 -41.68
CA GLY C 213 6.35 0.73 -42.57
C GLY C 213 7.41 -0.18 -41.98
N LEU C 214 7.70 -0.05 -40.68
CA LEU C 214 8.72 -0.91 -40.07
C LEU C 214 8.28 -2.36 -39.98
N THR C 215 9.24 -3.28 -40.08
CA THR C 215 8.93 -4.70 -40.00
C THR C 215 9.61 -5.38 -38.82
N SER C 216 10.64 -4.73 -38.26
CA SER C 216 11.34 -5.30 -37.12
C SER C 216 11.90 -4.18 -36.24
N LEU C 217 12.33 -4.53 -35.03
CA LEU C 217 12.87 -3.56 -34.08
C LEU C 217 14.25 -3.96 -33.59
N PRO C 218 15.02 -3.00 -33.07
CA PRO C 218 16.36 -3.25 -32.54
C PRO C 218 16.31 -4.25 -31.36
N LYS C 219 17.31 -5.12 -31.28
CA LYS C 219 17.38 -6.11 -30.22
C LYS C 219 17.87 -5.50 -28.90
N VAL C 220 17.08 -5.67 -27.85
CA VAL C 220 17.42 -5.16 -26.52
C VAL C 220 17.09 -6.21 -25.45
N ASP C 221 18.08 -6.57 -24.64
CA ASP C 221 17.92 -7.58 -23.60
C ASP C 221 17.97 -6.95 -22.19
N ILE C 222 17.53 -7.72 -21.19
CA ILE C 222 17.52 -7.26 -19.81
C ILE C 222 18.35 -8.20 -18.93
N LEU C 223 19.24 -7.62 -18.12
CA LEU C 223 20.08 -8.41 -17.22
C LEU C 223 19.80 -8.04 -15.77
N TYR C 224 19.74 -9.04 -14.90
CA TYR C 224 19.44 -8.84 -13.48
C TYR C 224 20.66 -8.49 -12.62
N GLY C 225 20.43 -7.73 -11.56
CA GLY C 225 21.48 -7.34 -10.64
C GLY C 225 21.31 -8.03 -9.30
N TYR C 226 22.38 -8.64 -8.79
CA TYR C 226 22.36 -9.36 -7.52
C TYR C 226 23.77 -9.71 -7.03
N GLN C 227 23.88 -10.27 -5.83
CA GLN C 227 25.17 -10.66 -5.27
C GLN C 227 25.83 -11.71 -6.17
N ASP C 228 27.10 -11.48 -6.51
CA ASP C 228 27.86 -12.40 -7.36
C ASP C 228 27.39 -12.43 -8.82
N ASP C 229 26.77 -11.36 -9.31
CA ASP C 229 26.32 -11.33 -10.70
C ASP C 229 27.54 -11.48 -11.62
N PRO C 230 27.44 -12.34 -12.65
CA PRO C 230 28.52 -12.61 -13.60
C PRO C 230 28.74 -11.67 -14.77
N GLU C 231 30.00 -11.55 -15.17
CA GLU C 231 30.40 -10.71 -16.30
C GLU C 231 30.05 -11.38 -17.63
N TYR C 232 30.14 -12.70 -17.67
CA TYR C 232 29.89 -13.45 -18.90
C TYR C 232 28.53 -13.22 -19.56
N LEU C 233 27.55 -12.74 -18.81
CA LEU C 233 26.22 -12.48 -19.39
C LEU C 233 26.27 -11.28 -20.33
N TYR C 234 27.10 -10.29 -20.00
CA TYR C 234 27.24 -9.12 -20.86
C TYR C 234 27.94 -9.55 -22.15
N ASP C 235 28.94 -10.43 -22.01
CA ASP C 235 29.69 -10.96 -23.14
C ASP C 235 28.76 -11.65 -24.12
N ALA C 236 27.92 -12.55 -23.61
CA ALA C 236 26.98 -13.29 -24.43
C ALA C 236 26.05 -12.35 -25.20
N ALA C 237 25.53 -11.34 -24.51
CA ALA C 237 24.63 -10.37 -25.13
C ALA C 237 25.32 -9.66 -26.30
N ILE C 238 26.50 -9.08 -26.01
CA ILE C 238 27.26 -8.37 -27.02
C ILE C 238 27.55 -9.32 -28.18
N GLN C 239 28.01 -10.52 -27.85
CA GLN C 239 28.33 -11.56 -28.83
C GLN C 239 27.17 -11.85 -29.77
N HIS C 240 25.94 -11.65 -29.31
CA HIS C 240 24.78 -11.93 -30.16
C HIS C 240 24.15 -10.72 -30.85
N GLY C 241 24.90 -9.62 -30.91
CA GLY C 241 24.43 -8.42 -31.58
C GLY C 241 23.32 -7.55 -30.99
N VAL C 242 23.16 -7.54 -29.66
CA VAL C 242 22.13 -6.67 -29.09
C VAL C 242 22.57 -5.24 -29.32
N LYS C 243 21.60 -4.35 -29.45
CA LYS C 243 21.91 -2.94 -29.68
C LYS C 243 21.75 -2.15 -28.38
N GLY C 244 21.07 -2.76 -27.41
CA GLY C 244 20.85 -2.09 -26.13
C GLY C 244 20.70 -3.08 -24.99
N ILE C 245 21.04 -2.64 -23.78
CA ILE C 245 20.94 -3.48 -22.59
C ILE C 245 20.28 -2.73 -21.43
N VAL C 246 19.20 -3.30 -20.89
CA VAL C 246 18.51 -2.72 -19.75
C VAL C 246 18.97 -3.52 -18.53
N TYR C 247 19.48 -2.81 -17.54
CA TYR C 247 19.99 -3.42 -16.32
C TYR C 247 19.01 -3.26 -15.16
N ALA C 248 18.43 -4.35 -14.68
CA ALA C 248 17.50 -4.28 -13.55
C ALA C 248 18.38 -4.40 -12.30
N GLY C 249 19.00 -3.28 -11.93
CA GLY C 249 19.91 -3.28 -10.81
C GLY C 249 19.42 -3.26 -9.37
N MET C 250 20.40 -3.34 -8.47
CA MET C 250 20.17 -3.32 -7.03
C MET C 250 19.94 -1.86 -6.62
N GLY C 251 18.94 -1.63 -5.77
CA GLY C 251 18.66 -0.27 -5.32
C GLY C 251 18.47 0.71 -6.47
N ALA C 252 19.15 1.85 -6.38
CA ALA C 252 19.04 2.87 -7.42
C ALA C 252 20.03 2.63 -8.56
N GLY C 253 19.93 1.46 -9.18
CA GLY C 253 20.82 1.12 -10.29
C GLY C 253 22.28 0.91 -9.93
N SER C 254 22.53 0.45 -8.71
CA SER C 254 23.90 0.20 -8.27
C SER C 254 24.51 -0.91 -9.10
N VAL C 255 25.83 -0.85 -9.30
CA VAL C 255 26.53 -1.84 -10.12
C VAL C 255 27.78 -2.38 -9.42
N SER C 256 27.96 -3.70 -9.47
CA SER C 256 29.13 -4.33 -8.86
C SER C 256 30.34 -4.14 -9.77
N VAL C 257 31.52 -4.49 -9.28
CA VAL C 257 32.73 -4.36 -10.09
C VAL C 257 32.65 -5.24 -11.33
N ARG C 258 32.02 -6.40 -11.19
CA ARG C 258 31.87 -7.31 -12.32
C ARG C 258 30.88 -6.72 -13.32
N GLY C 259 29.81 -6.12 -12.82
CA GLY C 259 28.82 -5.52 -13.68
C GLY C 259 29.41 -4.34 -14.43
N ILE C 260 30.26 -3.57 -13.75
CA ILE C 260 30.89 -2.41 -14.36
C ILE C 260 31.82 -2.82 -15.50
N ALA C 261 32.55 -3.93 -15.33
CA ALA C 261 33.45 -4.41 -16.36
C ALA C 261 32.63 -4.79 -17.60
N GLY C 262 31.54 -5.51 -17.37
CA GLY C 262 30.68 -5.91 -18.46
C GLY C 262 30.09 -4.73 -19.22
N MET C 263 29.71 -3.68 -18.48
CA MET C 263 29.13 -2.48 -19.08
C MET C 263 30.12 -1.69 -19.93
N ARG C 264 31.36 -1.56 -19.44
CA ARG C 264 32.38 -0.81 -20.16
C ARG C 264 32.67 -1.47 -21.51
N LYS C 265 32.60 -2.81 -21.53
CA LYS C 265 32.84 -3.55 -22.76
C LYS C 265 31.73 -3.30 -23.76
N ALA C 266 30.50 -3.21 -23.28
CA ALA C 266 29.35 -2.96 -24.14
C ALA C 266 29.42 -1.56 -24.72
N LEU C 267 29.78 -0.59 -23.89
CA LEU C 267 29.87 0.79 -24.36
C LEU C 267 30.95 0.91 -25.44
N GLU C 268 32.05 0.19 -25.29
CA GLU C 268 33.11 0.25 -26.30
C GLU C 268 32.59 -0.26 -27.64
N LYS C 269 31.83 -1.36 -27.59
CA LYS C 269 31.26 -1.96 -28.78
C LYS C 269 30.13 -1.09 -29.35
N GLY C 270 29.80 -0.02 -28.64
CA GLY C 270 28.76 0.88 -29.09
C GLY C 270 27.34 0.52 -28.68
N VAL C 271 27.19 -0.36 -27.70
CA VAL C 271 25.87 -0.76 -27.21
C VAL C 271 25.37 0.25 -26.18
N VAL C 272 24.07 0.57 -26.21
CA VAL C 272 23.51 1.52 -25.25
C VAL C 272 23.14 0.79 -23.95
N VAL C 273 23.63 1.30 -22.83
CA VAL C 273 23.33 0.69 -21.53
C VAL C 273 22.43 1.60 -20.70
N MET C 274 21.26 1.06 -20.31
CA MET C 274 20.28 1.81 -19.52
C MET C 274 20.14 1.19 -18.12
N ARG C 275 20.42 1.97 -17.08
CA ARG C 275 20.33 1.47 -15.72
C ARG C 275 18.95 1.70 -15.09
N SER C 276 18.29 0.60 -14.72
CA SER C 276 16.97 0.63 -14.09
C SER C 276 17.10 -0.01 -12.70
N THR C 277 15.98 -0.43 -12.12
CA THR C 277 16.00 -1.03 -10.79
C THR C 277 15.13 -2.29 -10.67
N ARG C 278 15.58 -3.24 -9.86
CA ARG C 278 14.84 -4.49 -9.65
C ARG C 278 13.85 -4.34 -8.48
N THR C 279 13.91 -3.21 -7.77
CA THR C 279 13.06 -2.99 -6.60
C THR C 279 11.57 -2.98 -6.87
N GLY C 280 11.16 -2.37 -7.97
CA GLY C 280 9.75 -2.32 -8.32
C GLY C 280 9.14 -0.94 -8.43
N ASN C 281 9.73 0.05 -7.74
CA ASN C 281 9.19 1.40 -7.75
C ASN C 281 10.30 2.45 -7.56
N GLY C 282 9.99 3.70 -7.89
CA GLY C 282 10.96 4.77 -7.68
C GLY C 282 11.81 5.27 -8.83
N ILE C 283 12.54 6.33 -8.52
CA ILE C 283 13.41 6.99 -9.48
C ILE C 283 14.86 6.57 -9.35
N VAL C 284 15.50 6.32 -10.49
CA VAL C 284 16.91 6.00 -10.54
C VAL C 284 17.48 7.34 -10.99
N PRO C 285 18.18 8.04 -10.09
CA PRO C 285 18.78 9.35 -10.37
C PRO C 285 20.11 9.28 -11.12
N PRO C 286 20.49 10.39 -11.79
CA PRO C 286 21.74 10.47 -12.54
C PRO C 286 22.94 10.31 -11.62
N ASP C 287 24.06 9.85 -12.16
CA ASP C 287 25.28 9.66 -11.37
C ASP C 287 26.45 9.58 -12.34
N GLU C 288 27.20 10.67 -12.47
CA GLU C 288 28.35 10.75 -13.36
C GLU C 288 29.45 9.72 -13.09
N GLU C 289 29.51 9.21 -11.87
CA GLU C 289 30.51 8.21 -11.50
C GLU C 289 30.22 6.84 -12.08
N LEU C 290 28.98 6.59 -12.48
CA LEU C 290 28.61 5.29 -13.03
C LEU C 290 28.36 5.34 -14.53
N PRO C 291 28.60 4.22 -15.24
CA PRO C 291 28.39 4.13 -16.68
C PRO C 291 26.93 3.95 -17.08
N GLY C 292 26.61 4.32 -18.31
CA GLY C 292 25.26 4.18 -18.84
C GLY C 292 24.32 5.34 -18.54
N LEU C 293 23.06 5.17 -18.96
CA LEU C 293 22.02 6.18 -18.74
C LEU C 293 21.15 5.71 -17.59
N VAL C 294 20.18 6.54 -17.17
CA VAL C 294 19.27 6.16 -16.07
C VAL C 294 17.81 6.13 -16.53
N SER C 295 17.03 5.22 -15.96
CA SER C 295 15.63 5.03 -16.36
C SER C 295 14.53 5.91 -15.75
N ASP C 296 14.88 6.90 -14.95
CA ASP C 296 13.85 7.74 -14.34
C ASP C 296 12.96 6.78 -13.53
N SER C 297 11.64 6.88 -13.66
CA SER C 297 10.77 5.99 -12.89
C SER C 297 10.24 4.78 -13.68
N LEU C 298 10.82 4.50 -14.84
CA LEU C 298 10.38 3.37 -15.64
C LEU C 298 11.01 2.08 -15.11
N ASN C 299 10.21 1.01 -14.98
CA ASN C 299 10.76 -0.26 -14.51
C ASN C 299 11.45 -0.96 -15.69
N PRO C 300 12.16 -2.08 -15.44
CA PRO C 300 12.84 -2.78 -16.54
C PRO C 300 12.01 -3.06 -17.80
N ALA C 301 10.81 -3.61 -17.61
CA ALA C 301 9.94 -3.94 -18.73
C ALA C 301 9.55 -2.71 -19.57
N HIS C 302 9.19 -1.61 -18.91
CA HIS C 302 8.82 -0.38 -19.63
C HIS C 302 10.07 0.24 -20.28
N ALA C 303 11.19 0.20 -19.56
CA ALA C 303 12.44 0.76 -20.05
C ALA C 303 12.89 0.13 -21.36
N ARG C 304 12.75 -1.19 -21.47
CA ARG C 304 13.13 -1.90 -22.68
C ARG C 304 12.32 -1.41 -23.89
N ILE C 305 11.01 -1.27 -23.70
CA ILE C 305 10.14 -0.80 -24.77
C ILE C 305 10.55 0.59 -25.27
N LEU C 306 10.79 1.52 -24.36
CA LEU C 306 11.19 2.86 -24.75
C LEU C 306 12.55 2.89 -25.44
N LEU C 307 13.50 2.08 -24.94
CA LEU C 307 14.85 2.04 -25.53
C LEU C 307 14.81 1.53 -26.97
N MET C 308 14.00 0.50 -27.23
CA MET C 308 13.88 -0.03 -28.60
C MET C 308 13.37 1.05 -29.53
N LEU C 309 12.25 1.69 -29.16
CA LEU C 309 11.68 2.74 -29.98
C LEU C 309 12.65 3.91 -30.18
N ALA C 310 13.45 4.20 -29.17
CA ALA C 310 14.41 5.30 -29.29
C ALA C 310 15.50 4.92 -30.30
N LEU C 311 15.88 3.65 -30.31
CA LEU C 311 16.91 3.18 -31.23
C LEU C 311 16.49 3.23 -32.70
N THR C 312 15.21 3.48 -32.97
CA THR C 312 14.76 3.57 -34.35
C THR C 312 14.98 4.98 -34.91
N ARG C 313 15.21 5.95 -34.01
CA ARG C 313 15.44 7.34 -34.42
C ARG C 313 16.82 7.91 -34.14
N THR C 314 17.50 7.42 -33.10
CA THR C 314 18.80 7.95 -32.77
C THR C 314 19.70 7.00 -31.98
N SER C 315 20.97 7.38 -31.85
CA SER C 315 21.95 6.61 -31.11
C SER C 315 22.73 7.57 -30.22
N ASP C 316 22.25 8.81 -30.16
CA ASP C 316 22.89 9.84 -29.34
C ASP C 316 22.37 9.71 -27.91
N PRO C 317 23.23 9.28 -26.98
CA PRO C 317 22.87 9.10 -25.57
C PRO C 317 22.21 10.31 -24.90
N LYS C 318 22.53 11.51 -25.37
CA LYS C 318 21.96 12.72 -24.80
C LYS C 318 20.47 12.81 -25.15
N VAL C 319 20.12 12.47 -26.38
CA VAL C 319 18.73 12.51 -26.81
C VAL C 319 17.94 11.42 -26.09
N ILE C 320 18.47 10.20 -26.10
CA ILE C 320 17.81 9.08 -25.45
C ILE C 320 17.50 9.36 -23.98
N GLN C 321 18.45 9.96 -23.27
CA GLN C 321 18.26 10.27 -21.86
C GLN C 321 17.09 11.24 -21.65
N GLU C 322 16.94 12.20 -22.57
CA GLU C 322 15.86 13.17 -22.45
C GLU C 322 14.51 12.48 -22.67
N TYR C 323 14.49 11.49 -23.56
CA TYR C 323 13.25 10.76 -23.83
C TYR C 323 12.79 10.09 -22.54
N PHE C 324 13.73 9.57 -21.77
CA PHE C 324 13.38 8.88 -20.53
C PHE C 324 12.86 9.79 -19.42
N HIS C 325 13.08 11.10 -19.55
CA HIS C 325 12.59 12.04 -18.54
C HIS C 325 11.28 12.69 -18.96
N THR C 326 10.83 12.43 -20.19
CA THR C 326 9.62 13.07 -20.69
C THR C 326 8.51 12.13 -21.15
N TYR C 327 8.84 10.86 -21.39
CA TYR C 327 7.86 9.89 -21.84
C TYR C 327 7.49 8.86 -20.77
N LEU D 4 -14.29 -36.35 5.26
CA LEU D 4 -14.55 -34.89 5.13
C LEU D 4 -14.88 -34.28 6.49
N PRO D 5 -14.37 -33.06 6.75
CA PRO D 5 -14.66 -32.43 8.03
C PRO D 5 -16.12 -31.97 8.08
N ASN D 6 -16.65 -31.79 9.30
CA ASN D 6 -18.03 -31.35 9.46
C ASN D 6 -18.04 -29.85 9.73
N ILE D 7 -18.60 -29.10 8.78
CA ILE D 7 -18.66 -27.65 8.88
C ILE D 7 -20.09 -27.11 8.90
N VAL D 8 -20.35 -26.18 9.80
CA VAL D 8 -21.67 -25.57 9.88
C VAL D 8 -21.57 -24.13 9.37
N ILE D 9 -22.49 -23.76 8.48
CA ILE D 9 -22.53 -22.42 7.91
C ILE D 9 -23.66 -21.67 8.61
N LEU D 10 -23.29 -20.70 9.44
CA LEU D 10 -24.25 -19.91 10.20
C LEU D 10 -24.48 -18.57 9.48
N ALA D 11 -25.70 -18.33 9.03
CA ALA D 11 -26.00 -17.09 8.31
C ALA D 11 -26.60 -15.99 9.18
N THR D 12 -26.09 -14.77 9.01
CA THR D 12 -26.59 -13.64 9.79
C THR D 12 -27.16 -12.54 8.89
N GLY D 13 -26.78 -12.58 7.62
CA GLY D 13 -27.25 -11.58 6.68
C GLY D 13 -26.18 -11.25 5.65
N GLY D 14 -26.25 -10.06 5.07
CA GLY D 14 -25.28 -9.67 4.07
C GLY D 14 -25.77 -10.05 2.69
N THR D 15 -25.29 -9.33 1.67
CA THR D 15 -25.74 -9.60 0.31
C THR D 15 -25.09 -10.82 -0.33
N ILE D 16 -24.23 -11.50 0.42
CA ILE D 16 -23.56 -12.68 -0.10
C ILE D 16 -24.58 -13.80 -0.33
N GLY D 35 -31.89 -17.32 3.44
CA GLY D 35 -31.71 -18.54 2.59
C GLY D 35 -30.27 -19.01 2.55
N VAL D 36 -29.82 -19.60 3.66
CA VAL D 36 -28.47 -20.12 3.73
C VAL D 36 -28.33 -21.35 2.83
N ASP D 37 -29.43 -22.09 2.67
CA ASP D 37 -29.37 -23.28 1.82
C ASP D 37 -29.48 -22.93 0.35
N THR D 38 -29.96 -21.72 0.06
CA THR D 38 -30.07 -21.27 -1.32
C THR D 38 -28.64 -21.01 -1.79
N LEU D 39 -27.83 -20.48 -0.89
CA LEU D 39 -26.42 -20.19 -1.19
C LEU D 39 -25.67 -21.51 -1.37
N ILE D 40 -25.99 -22.49 -0.53
CA ILE D 40 -25.33 -23.78 -0.60
C ILE D 40 -25.66 -24.50 -1.91
N ASN D 41 -26.89 -24.37 -2.38
CA ASN D 41 -27.30 -25.00 -3.64
C ASN D 41 -26.68 -24.25 -4.81
N ALA D 42 -26.39 -22.98 -4.60
CA ALA D 42 -25.80 -22.13 -5.63
C ALA D 42 -24.35 -22.50 -5.88
N VAL D 43 -23.64 -22.87 -4.83
CA VAL D 43 -22.24 -23.25 -4.94
C VAL D 43 -22.05 -24.65 -4.37
N PRO D 44 -22.49 -25.68 -5.12
CA PRO D 44 -22.39 -27.08 -4.73
C PRO D 44 -20.97 -27.64 -4.66
N GLU D 45 -19.99 -26.84 -5.06
CA GLU D 45 -18.60 -27.29 -5.02
C GLU D 45 -18.15 -27.55 -3.59
N VAL D 46 -18.76 -26.83 -2.64
CA VAL D 46 -18.39 -26.97 -1.23
C VAL D 46 -18.63 -28.35 -0.63
N LYS D 47 -19.51 -29.14 -1.24
CA LYS D 47 -19.80 -30.48 -0.74
C LYS D 47 -18.66 -31.48 -1.00
N LYS D 48 -17.69 -31.05 -1.81
CA LYS D 48 -16.53 -31.89 -2.11
C LYS D 48 -15.41 -31.53 -1.15
N LEU D 49 -15.61 -30.44 -0.41
CA LEU D 49 -14.62 -29.98 0.55
C LEU D 49 -14.97 -30.41 1.98
N ALA D 50 -16.25 -30.61 2.25
CA ALA D 50 -16.69 -31.02 3.58
C ALA D 50 -18.18 -31.34 3.64
N ASN D 51 -18.60 -31.88 4.78
CA ASN D 51 -20.01 -32.19 5.01
C ASN D 51 -20.56 -30.90 5.60
N VAL D 52 -21.33 -30.17 4.81
CA VAL D 52 -21.88 -28.89 5.27
C VAL D 52 -23.31 -28.96 5.75
N LYS D 53 -23.64 -28.05 6.66
CA LYS D 53 -24.97 -27.95 7.24
C LYS D 53 -25.22 -26.47 7.50
N GLY D 54 -26.34 -25.96 7.02
CA GLY D 54 -26.64 -24.54 7.21
C GLY D 54 -27.61 -24.23 8.34
N GLU D 55 -27.45 -23.05 8.94
CA GLU D 55 -28.32 -22.60 10.02
C GLU D 55 -28.57 -21.10 9.83
N GLN D 56 -29.84 -20.71 9.83
CA GLN D 56 -30.21 -19.31 9.66
C GLN D 56 -30.31 -18.65 11.03
N PHE D 57 -29.29 -17.89 11.41
CA PHE D 57 -29.27 -17.22 12.72
C PHE D 57 -30.08 -15.92 12.68
N SER D 58 -29.91 -15.15 11.62
CA SER D 58 -30.64 -13.90 11.45
C SER D 58 -30.56 -13.52 9.98
N ASN D 59 -31.14 -12.38 9.64
CA ASN D 59 -31.11 -11.94 8.25
C ASN D 59 -31.24 -10.43 8.16
N MET D 60 -30.15 -9.74 8.46
CA MET D 60 -30.15 -8.28 8.42
C MET D 60 -28.87 -7.70 7.84
N ALA D 61 -28.94 -6.43 7.44
CA ALA D 61 -27.78 -5.74 6.91
C ALA D 61 -26.88 -5.50 8.11
N SER D 62 -25.56 -5.64 7.93
CA SER D 62 -24.66 -5.48 9.07
C SER D 62 -24.68 -4.12 9.77
N GLU D 63 -25.12 -3.06 9.08
CA GLU D 63 -25.17 -1.76 9.72
C GLU D 63 -26.22 -1.78 10.85
N ASN D 64 -27.10 -2.79 10.82
CA ASN D 64 -28.13 -2.92 11.86
C ASN D 64 -27.82 -3.97 12.91
N MET D 65 -26.62 -4.55 12.85
CA MET D 65 -26.23 -5.54 13.84
C MET D 65 -26.04 -4.78 15.15
N THR D 66 -26.56 -5.35 16.25
CA THR D 66 -26.44 -4.71 17.56
C THR D 66 -25.73 -5.60 18.56
N GLY D 67 -25.18 -4.99 19.60
CA GLY D 67 -24.47 -5.72 20.62
C GLY D 67 -25.23 -6.89 21.22
N ASP D 68 -26.52 -6.72 21.49
CA ASP D 68 -27.30 -7.80 22.06
C ASP D 68 -27.36 -8.99 21.12
N VAL D 69 -27.38 -8.72 19.81
CA VAL D 69 -27.42 -9.79 18.82
C VAL D 69 -26.06 -10.47 18.70
N VAL D 70 -24.99 -9.69 18.70
CA VAL D 70 -23.64 -10.25 18.62
C VAL D 70 -23.37 -11.11 19.87
N LEU D 71 -23.97 -10.73 20.99
CA LEU D 71 -23.80 -11.47 22.23
C LEU D 71 -24.38 -12.88 22.08
N LYS D 72 -25.56 -12.94 21.47
CA LYS D 72 -26.25 -14.21 21.24
C LYS D 72 -25.50 -15.05 20.21
N LEU D 73 -24.89 -14.39 19.24
CA LEU D 73 -24.14 -15.08 18.20
C LEU D 73 -22.94 -15.78 18.84
N SER D 74 -22.26 -15.09 19.73
CA SER D 74 -21.09 -15.65 20.41
C SER D 74 -21.47 -16.88 21.25
N GLN D 75 -22.59 -16.77 21.97
CA GLN D 75 -23.05 -17.86 22.82
C GLN D 75 -23.42 -19.09 21.99
N ARG D 76 -24.01 -18.85 20.82
CA ARG D 76 -24.39 -19.95 19.93
C ARG D 76 -23.18 -20.66 19.34
N VAL D 77 -22.15 -19.88 18.97
CA VAL D 77 -20.95 -20.47 18.39
C VAL D 77 -20.20 -21.28 19.45
N ASN D 78 -20.15 -20.78 20.68
CA ASN D 78 -19.48 -21.52 21.76
C ASN D 78 -20.18 -22.86 21.94
N GLU D 79 -21.50 -22.81 21.84
CA GLU D 79 -22.35 -23.99 21.99
C GLU D 79 -22.08 -25.02 20.88
N LEU D 80 -21.99 -24.56 19.64
CA LEU D 80 -21.73 -25.46 18.52
C LEU D 80 -20.32 -26.07 18.55
N LEU D 81 -19.29 -25.26 18.81
CA LEU D 81 -17.92 -25.78 18.82
C LEU D 81 -17.62 -26.75 19.96
N ALA D 82 -18.53 -26.88 20.92
CA ALA D 82 -18.32 -27.78 22.05
C ALA D 82 -18.68 -29.22 21.67
N ARG D 83 -19.40 -29.38 20.56
CA ARG D 83 -19.83 -30.70 20.09
C ARG D 83 -18.71 -31.50 19.43
N ASP D 84 -18.85 -32.83 19.46
CA ASP D 84 -17.89 -33.74 18.85
C ASP D 84 -17.99 -33.69 17.33
N ASP D 85 -19.21 -33.53 16.85
CA ASP D 85 -19.50 -33.51 15.42
C ASP D 85 -19.39 -32.19 14.67
N VAL D 86 -18.69 -31.22 15.24
CA VAL D 86 -18.50 -29.92 14.60
C VAL D 86 -17.01 -29.60 14.58
N ASP D 87 -16.40 -29.61 13.40
CA ASP D 87 -14.97 -29.32 13.25
C ASP D 87 -14.66 -27.84 13.04
N GLY D 88 -15.63 -27.10 12.52
CA GLY D 88 -15.42 -25.68 12.27
C GLY D 88 -16.72 -24.97 11.91
N VAL D 89 -16.70 -23.64 11.96
CA VAL D 89 -17.87 -22.84 11.65
C VAL D 89 -17.55 -21.67 10.70
N VAL D 90 -18.41 -21.48 9.71
CA VAL D 90 -18.27 -20.39 8.74
C VAL D 90 -19.49 -19.49 8.99
N ILE D 91 -19.25 -18.19 9.13
CA ILE D 91 -20.34 -17.23 9.38
C ILE D 91 -20.47 -16.22 8.24
N THR D 92 -21.64 -16.17 7.59
CA THR D 92 -21.85 -15.21 6.50
C THR D 92 -22.32 -13.91 7.18
N HIS D 93 -21.76 -12.78 6.76
CA HIS D 93 -22.06 -11.50 7.40
C HIS D 93 -21.92 -10.38 6.37
N GLY D 94 -22.49 -9.22 6.66
CA GLY D 94 -22.37 -8.08 5.76
C GLY D 94 -20.97 -7.51 5.96
N THR D 95 -20.43 -6.83 4.95
CA THR D 95 -19.08 -6.28 5.06
C THR D 95 -18.91 -5.06 5.96
N ASP D 96 -19.92 -4.19 6.01
CA ASP D 96 -19.81 -2.97 6.78
C ASP D 96 -19.38 -3.06 8.25
N THR D 97 -19.88 -4.03 9.00
CA THR D 97 -19.47 -4.13 10.40
C THR D 97 -18.91 -5.51 10.78
N VAL D 98 -18.49 -6.30 9.78
CA VAL D 98 -17.94 -7.62 10.07
C VAL D 98 -16.70 -7.52 10.96
N GLU D 99 -15.96 -6.41 10.87
CA GLU D 99 -14.75 -6.25 11.68
C GLU D 99 -15.11 -6.07 13.15
N GLU D 100 -16.33 -5.59 13.42
CA GLU D 100 -16.80 -5.40 14.79
C GLU D 100 -17.31 -6.72 15.36
N SER D 101 -18.14 -7.44 14.60
CA SER D 101 -18.65 -8.73 15.06
C SER D 101 -17.52 -9.77 15.18
N ALA D 102 -16.59 -9.77 14.22
CA ALA D 102 -15.47 -10.72 14.24
C ALA D 102 -14.57 -10.55 15.46
N TYR D 103 -14.24 -9.30 15.80
CA TYR D 103 -13.38 -9.04 16.94
C TYR D 103 -14.08 -9.39 18.26
N PHE D 104 -15.39 -9.20 18.32
CA PHE D 104 -16.13 -9.55 19.53
C PHE D 104 -16.01 -11.06 19.79
N LEU D 105 -16.19 -11.87 18.74
CA LEU D 105 -16.06 -13.32 18.90
C LEU D 105 -14.61 -13.76 19.12
N HIS D 106 -13.67 -13.01 18.54
CA HIS D 106 -12.23 -13.26 18.68
C HIS D 106 -11.85 -13.25 20.17
N LEU D 107 -12.58 -12.44 20.94
CA LEU D 107 -12.31 -12.29 22.38
C LEU D 107 -13.19 -13.13 23.30
N THR D 108 -14.25 -13.73 22.79
CA THR D 108 -15.17 -14.49 23.64
C THR D 108 -15.43 -15.95 23.29
N VAL D 109 -14.84 -16.45 22.20
CA VAL D 109 -15.03 -17.85 21.82
C VAL D 109 -13.97 -18.70 22.52
N LYS D 110 -14.42 -19.64 23.35
CA LYS D 110 -13.53 -20.49 24.12
C LYS D 110 -13.22 -21.83 23.45
N SER D 111 -12.64 -21.80 22.27
CA SER D 111 -12.31 -23.01 21.54
C SER D 111 -11.21 -22.75 20.50
N ASP D 112 -10.47 -23.81 20.18
CA ASP D 112 -9.38 -23.76 19.20
C ASP D 112 -9.86 -24.04 17.78
N LYS D 113 -11.09 -24.55 17.66
CA LYS D 113 -11.64 -24.86 16.35
C LYS D 113 -11.82 -23.57 15.55
N PRO D 114 -11.57 -23.64 14.23
CA PRO D 114 -11.69 -22.50 13.33
C PRO D 114 -13.06 -21.84 13.25
N VAL D 115 -13.08 -20.51 13.35
CA VAL D 115 -14.28 -19.69 13.23
C VAL D 115 -13.91 -18.72 12.11
N VAL D 116 -14.58 -18.84 10.97
CA VAL D 116 -14.27 -18.00 9.83
C VAL D 116 -15.46 -17.17 9.34
N PHE D 117 -15.28 -15.86 9.30
CA PHE D 117 -16.31 -14.95 8.80
C PHE D 117 -16.06 -14.77 7.30
N VAL D 118 -17.12 -14.77 6.51
CA VAL D 118 -16.98 -14.58 5.08
C VAL D 118 -18.05 -13.59 4.63
N ALA D 119 -17.73 -12.78 3.62
CA ALA D 119 -18.66 -11.80 3.11
C ALA D 119 -18.40 -11.57 1.62
N ALA D 120 -19.19 -10.71 1.00
CA ALA D 120 -19.04 -10.39 -0.41
C ALA D 120 -19.32 -8.91 -0.64
N MET D 121 -18.51 -8.28 -1.51
CA MET D 121 -18.69 -6.87 -1.82
C MET D 121 -19.68 -6.62 -2.96
N ARG D 122 -19.88 -7.63 -3.80
CA ARG D 122 -20.83 -7.52 -4.91
C ARG D 122 -22.04 -8.41 -4.65
N PRO D 123 -23.25 -7.95 -5.03
CA PRO D 123 -24.48 -8.72 -4.84
C PRO D 123 -24.41 -10.07 -5.56
N ALA D 124 -25.11 -11.06 -5.03
CA ALA D 124 -25.11 -12.40 -5.60
C ALA D 124 -25.64 -12.39 -7.03
N THR D 125 -26.37 -11.34 -7.38
CA THR D 125 -26.94 -11.22 -8.72
C THR D 125 -26.04 -10.48 -9.70
N ALA D 126 -25.02 -9.80 -9.19
CA ALA D 126 -24.10 -9.04 -10.03
C ALA D 126 -23.23 -9.90 -10.94
N ILE D 127 -22.74 -9.28 -12.01
CA ILE D 127 -21.86 -9.96 -12.95
C ILE D 127 -20.53 -10.12 -12.21
N SER D 128 -19.89 -11.27 -12.37
CA SER D 128 -18.62 -11.53 -11.70
C SER D 128 -18.75 -11.39 -10.19
N ALA D 129 -19.82 -11.92 -9.62
CA ALA D 129 -20.03 -11.83 -8.17
C ALA D 129 -18.86 -12.51 -7.46
N ASP D 130 -18.40 -11.91 -6.36
CA ASP D 130 -17.27 -12.49 -5.63
C ASP D 130 -17.67 -13.49 -4.54
N GLY D 131 -18.94 -13.46 -4.14
CA GLY D 131 -19.41 -14.35 -3.10
C GLY D 131 -19.17 -15.85 -3.23
N PRO D 132 -19.46 -16.46 -4.39
CA PRO D 132 -19.24 -17.90 -4.55
C PRO D 132 -17.82 -18.38 -4.24
N MET D 133 -16.82 -17.69 -4.78
CA MET D 133 -15.43 -18.06 -4.54
C MET D 133 -15.02 -17.80 -3.09
N ASN D 134 -15.48 -16.69 -2.53
CA ASN D 134 -15.15 -16.37 -1.14
C ASN D 134 -15.64 -17.48 -0.20
N LEU D 135 -16.87 -17.95 -0.44
CA LEU D 135 -17.46 -19.01 0.38
C LEU D 135 -16.64 -20.29 0.27
N LEU D 136 -16.30 -20.66 -0.97
CA LEU D 136 -15.51 -21.87 -1.22
C LEU D 136 -14.18 -21.80 -0.45
N GLU D 137 -13.53 -20.65 -0.48
CA GLU D 137 -12.27 -20.48 0.24
C GLU D 137 -12.47 -20.54 1.76
N ALA D 138 -13.57 -19.98 2.26
CA ALA D 138 -13.86 -19.98 3.69
C ALA D 138 -14.04 -21.42 4.21
N VAL D 139 -14.74 -22.24 3.45
CA VAL D 139 -14.98 -23.63 3.84
C VAL D 139 -13.66 -24.41 3.82
N ARG D 140 -12.79 -24.12 2.86
CA ARG D 140 -11.50 -24.79 2.76
C ARG D 140 -10.65 -24.44 3.98
N VAL D 141 -10.63 -23.17 4.36
CA VAL D 141 -9.86 -22.73 5.51
C VAL D 141 -10.41 -23.32 6.82
N ALA D 142 -11.73 -23.31 6.96
CA ALA D 142 -12.38 -23.83 8.16
C ALA D 142 -12.18 -25.33 8.35
N GLY D 143 -12.02 -26.06 7.25
CA GLY D 143 -11.85 -27.50 7.33
C GLY D 143 -10.43 -28.01 7.40
N ASP D 144 -9.44 -27.12 7.29
CA ASP D 144 -8.04 -27.53 7.32
C ASP D 144 -7.50 -27.61 8.76
N LYS D 145 -6.89 -28.74 9.10
CA LYS D 145 -6.36 -28.91 10.45
C LYS D 145 -5.29 -27.90 10.83
N GLN D 146 -4.62 -27.34 9.83
CA GLN D 146 -3.56 -26.37 10.11
C GLN D 146 -4.11 -24.98 10.45
N SER D 147 -5.44 -24.85 10.46
CA SER D 147 -6.10 -23.58 10.77
C SER D 147 -6.45 -23.44 12.25
N ARG D 148 -6.25 -24.50 13.02
CA ARG D 148 -6.59 -24.47 14.44
C ARG D 148 -5.71 -23.54 15.28
N GLY D 149 -6.31 -22.94 16.30
CA GLY D 149 -5.61 -22.06 17.21
C GLY D 149 -5.04 -20.77 16.65
N ARG D 150 -5.59 -20.28 15.54
CA ARG D 150 -5.09 -19.05 14.95
C ARG D 150 -5.95 -17.82 15.28
N GLY D 151 -7.02 -18.03 16.02
CA GLY D 151 -7.91 -16.93 16.37
C GLY D 151 -9.01 -16.83 15.32
N VAL D 152 -9.93 -15.88 15.48
CA VAL D 152 -11.02 -15.71 14.52
C VAL D 152 -10.47 -15.08 13.22
N MET D 153 -10.95 -15.57 12.09
CA MET D 153 -10.48 -15.09 10.79
C MET D 153 -11.57 -14.57 9.86
N VAL D 154 -11.17 -13.70 8.94
CA VAL D 154 -12.08 -13.13 7.95
C VAL D 154 -11.48 -13.52 6.59
N VAL D 155 -12.22 -14.28 5.80
CA VAL D 155 -11.74 -14.72 4.49
C VAL D 155 -12.47 -14.05 3.34
N ILE D 156 -11.71 -13.43 2.44
CA ILE D 156 -12.29 -12.75 1.30
C ILE D 156 -11.20 -12.35 0.29
N ASN D 157 -11.51 -12.46 -1.00
CA ASN D 157 -10.56 -12.09 -2.06
C ASN D 157 -9.20 -12.81 -1.98
N ASP D 158 -9.25 -14.12 -1.77
CA ASP D 158 -8.06 -14.96 -1.68
C ASP D 158 -7.19 -14.70 -0.45
N ARG D 159 -7.64 -13.83 0.46
CA ARG D 159 -6.85 -13.50 1.65
C ARG D 159 -7.48 -13.96 2.97
N ILE D 160 -6.60 -14.28 3.94
CA ILE D 160 -7.02 -14.70 5.26
C ILE D 160 -6.50 -13.64 6.23
N GLY D 161 -7.40 -12.89 6.87
CA GLY D 161 -6.98 -11.87 7.80
C GLY D 161 -7.41 -12.11 9.24
N SER D 162 -6.65 -11.58 10.19
CA SER D 162 -6.99 -11.74 11.62
C SER D 162 -8.01 -10.69 12.04
N ALA D 163 -8.98 -11.09 12.87
CA ALA D 163 -10.01 -10.19 13.35
C ALA D 163 -9.46 -8.99 14.14
N ARG D 164 -8.29 -9.18 14.75
CA ARG D 164 -7.66 -8.13 15.53
C ARG D 164 -7.06 -7.02 14.67
N TYR D 165 -6.62 -7.37 13.45
CA TYR D 165 -5.98 -6.39 12.58
C TYR D 165 -6.77 -5.96 11.32
N ILE D 166 -7.60 -6.85 10.79
CA ILE D 166 -8.33 -6.54 9.56
C ILE D 166 -9.41 -5.46 9.71
N THR D 167 -9.59 -4.67 8.66
CA THR D 167 -10.60 -3.60 8.67
C THR D 167 -10.99 -3.29 7.23
N LYS D 168 -12.19 -2.73 7.03
CA LYS D 168 -12.66 -2.37 5.70
C LYS D 168 -12.04 -1.00 5.41
N THR D 169 -11.09 -0.96 4.48
CA THR D 169 -10.39 0.28 4.16
C THR D 169 -10.94 1.11 3.00
N ASN D 170 -11.79 0.51 2.17
CA ASN D 170 -12.34 1.23 1.02
C ASN D 170 -13.87 1.07 1.00
N ALA D 171 -14.56 2.15 0.66
CA ALA D 171 -16.01 2.13 0.62
C ALA D 171 -16.64 1.12 -0.34
N SER D 172 -16.09 0.93 -1.53
CA SER D 172 -16.71 0.02 -2.51
C SER D 172 -15.91 -0.95 -3.38
N THR D 173 -14.63 -1.19 -3.11
CA THR D 173 -13.86 -2.11 -3.96
C THR D 173 -13.80 -3.54 -3.42
N LEU D 174 -13.49 -4.50 -4.29
CA LEU D 174 -13.40 -5.90 -3.90
C LEU D 174 -12.21 -6.18 -2.98
N ASP D 175 -11.13 -5.42 -3.17
CA ASP D 175 -9.91 -5.59 -2.38
C ASP D 175 -9.85 -4.71 -1.13
N THR D 176 -11.00 -4.25 -0.67
CA THR D 176 -11.13 -3.38 0.50
C THR D 176 -10.54 -3.86 1.84
N PHE D 177 -10.67 -5.14 2.17
CA PHE D 177 -10.16 -5.63 3.44
C PHE D 177 -8.63 -5.82 3.48
N ARG D 178 -7.96 -4.96 4.26
CA ARG D 178 -6.51 -5.02 4.40
C ARG D 178 -6.04 -4.63 5.81
N ALA D 179 -4.79 -4.97 6.11
CA ALA D 179 -4.14 -4.63 7.38
C ALA D 179 -2.77 -4.10 6.92
N ASN D 180 -2.74 -2.81 6.60
CA ASN D 180 -1.54 -2.16 6.07
C ASN D 180 -0.23 -2.47 6.78
N GLU D 181 -0.20 -2.31 8.10
CA GLU D 181 1.02 -2.56 8.85
C GLU D 181 1.24 -4.00 9.30
N GLU D 182 0.14 -4.74 9.48
CA GLU D 182 0.21 -6.12 9.98
C GLU D 182 0.15 -7.25 8.97
N GLY D 183 -0.29 -6.96 7.74
CA GLY D 183 -0.37 -8.00 6.73
C GLY D 183 -1.46 -9.04 6.96
N TYR D 184 -1.45 -10.09 6.14
CA TYR D 184 -2.45 -11.16 6.26
C TYR D 184 -1.86 -12.41 6.93
N LEU D 185 -2.72 -13.21 7.56
CA LEU D 185 -2.26 -14.44 8.20
C LEU D 185 -1.80 -15.40 7.12
N GLY D 186 -2.51 -15.41 5.99
CA GLY D 186 -2.15 -16.28 4.88
C GLY D 186 -2.91 -15.92 3.62
N VAL D 187 -2.69 -16.69 2.55
CA VAL D 187 -3.38 -16.46 1.28
C VAL D 187 -3.80 -17.81 0.70
N ILE D 188 -4.83 -17.80 -0.14
CA ILE D 188 -5.30 -19.04 -0.76
C ILE D 188 -5.17 -18.90 -2.28
N ILE D 189 -4.28 -19.70 -2.86
CA ILE D 189 -4.03 -19.66 -4.30
C ILE D 189 -3.96 -21.09 -4.85
N GLY D 190 -4.68 -21.35 -5.93
CA GLY D 190 -4.67 -22.67 -6.53
C GLY D 190 -5.18 -23.78 -5.63
N ASN D 191 -6.19 -23.48 -4.82
CA ASN D 191 -6.79 -24.46 -3.92
C ASN D 191 -5.83 -24.98 -2.85
N ARG D 192 -4.84 -24.17 -2.49
CA ARG D 192 -3.88 -24.54 -1.47
C ARG D 192 -3.71 -23.35 -0.52
N ILE D 193 -3.59 -23.63 0.78
CA ILE D 193 -3.43 -22.57 1.76
C ILE D 193 -1.97 -22.33 2.11
N TYR D 194 -1.57 -21.06 2.06
CA TYR D 194 -0.20 -20.66 2.38
C TYR D 194 -0.21 -19.77 3.62
N TYR D 195 0.04 -20.35 4.80
CA TYR D 195 0.06 -19.55 6.02
C TYR D 195 1.39 -18.83 6.17
N GLN D 196 1.31 -17.56 6.53
CA GLN D 196 2.48 -16.68 6.66
C GLN D 196 2.81 -16.22 8.08
N ASN D 197 1.79 -15.82 8.83
CA ASN D 197 1.96 -15.31 10.21
C ASN D 197 1.00 -15.95 11.22
N ARG D 198 1.31 -15.68 12.49
CA ARG D 198 0.49 -16.07 13.63
C ARG D 198 0.54 -14.78 14.46
N ILE D 199 -0.61 -14.26 14.87
CA ILE D 199 -0.60 -13.01 15.64
C ILE D 199 -0.03 -13.20 17.03
N ASP D 200 0.62 -12.15 17.53
CA ASP D 200 1.26 -12.17 18.85
C ASP D 200 0.41 -11.39 19.84
N LYS D 201 -0.84 -11.82 20.02
CA LYS D 201 -1.78 -11.19 20.93
C LYS D 201 -2.64 -12.29 21.56
N LEU D 202 -3.24 -12.00 22.71
CA LEU D 202 -4.11 -12.98 23.38
C LEU D 202 -5.47 -13.03 22.68
N HIS D 203 -6.07 -14.22 22.63
CA HIS D 203 -7.37 -14.40 22.00
C HIS D 203 -7.99 -15.75 22.37
N THR D 204 -9.26 -15.91 22.00
CA THR D 204 -10.05 -17.11 22.23
C THR D 204 -9.79 -17.89 23.53
N THR D 205 -9.16 -19.06 23.42
CA THR D 205 -8.92 -19.90 24.58
C THR D 205 -8.08 -19.29 25.70
N ARG D 206 -7.36 -18.21 25.41
CA ARG D 206 -6.54 -17.57 26.43
C ARG D 206 -7.06 -16.19 26.83
N SER D 207 -8.32 -15.92 26.52
CA SER D 207 -8.95 -14.64 26.85
C SER D 207 -9.73 -14.70 28.16
N VAL D 208 -9.66 -13.63 28.96
CA VAL D 208 -10.37 -13.61 30.24
C VAL D 208 -11.81 -13.13 30.14
N PHE D 209 -12.24 -12.78 28.94
CA PHE D 209 -13.61 -12.30 28.77
C PHE D 209 -14.57 -13.44 28.46
N ASP D 210 -15.62 -13.57 29.25
CA ASP D 210 -16.63 -14.60 29.04
C ASP D 210 -17.99 -13.93 29.17
N VAL D 211 -18.83 -14.08 28.15
CA VAL D 211 -20.14 -13.44 28.17
C VAL D 211 -21.31 -14.40 28.36
N ARG D 212 -21.06 -15.54 28.99
CA ARG D 212 -22.11 -16.51 29.25
C ARG D 212 -23.01 -16.00 30.36
N GLY D 213 -24.30 -15.88 30.07
CA GLY D 213 -25.23 -15.40 31.07
C GLY D 213 -25.62 -13.94 30.92
N LEU D 214 -24.77 -13.16 30.27
CA LEU D 214 -25.06 -11.74 30.08
C LEU D 214 -26.16 -11.55 29.04
N THR D 215 -26.94 -10.49 29.21
CA THR D 215 -28.01 -10.18 28.27
C THR D 215 -27.83 -8.75 27.76
N SER D 216 -26.95 -8.00 28.41
CA SER D 216 -26.67 -6.62 28.02
C SER D 216 -25.20 -6.27 28.24
N LEU D 217 -24.74 -5.22 27.56
CA LEU D 217 -23.35 -4.77 27.67
C LEU D 217 -23.29 -3.29 28.04
N PRO D 218 -22.17 -2.82 28.61
CA PRO D 218 -22.05 -1.40 28.98
C PRO D 218 -22.14 -0.50 27.75
N LYS D 219 -22.71 0.69 27.91
CA LYS D 219 -22.84 1.63 26.80
C LYS D 219 -21.52 2.36 26.54
N VAL D 220 -21.04 2.29 25.30
CA VAL D 220 -19.80 2.96 24.89
C VAL D 220 -20.07 3.68 23.56
N ASP D 221 -19.79 4.97 23.50
CA ASP D 221 -20.01 5.73 22.27
C ASP D 221 -18.69 6.24 21.69
N ILE D 222 -18.72 6.64 20.43
CA ILE D 222 -17.53 7.14 19.74
C ILE D 222 -17.73 8.58 19.26
N LEU D 223 -16.79 9.46 19.61
CA LEU D 223 -16.84 10.86 19.20
C LEU D 223 -15.63 11.17 18.30
N TYR D 224 -15.85 12.02 17.30
CA TYR D 224 -14.80 12.38 16.33
C TYR D 224 -13.97 13.63 16.71
N GLY D 225 -12.73 13.66 16.24
CA GLY D 225 -11.84 14.78 16.48
C GLY D 225 -11.59 15.54 15.19
N TYR D 226 -11.78 16.85 15.21
CA TYR D 226 -11.59 17.70 14.01
C TYR D 226 -11.52 19.16 14.43
N GLN D 227 -11.16 20.05 13.50
CA GLN D 227 -11.09 21.48 13.81
C GLN D 227 -12.47 21.97 14.24
N ASP D 228 -12.52 22.74 15.33
CA ASP D 228 -13.77 23.27 15.86
C ASP D 228 -14.69 22.22 16.51
N ASP D 229 -14.13 21.09 16.95
CA ASP D 229 -14.98 20.07 17.57
C ASP D 229 -15.65 20.65 18.82
N PRO D 230 -16.96 20.40 18.97
CA PRO D 230 -17.79 20.87 20.09
C PRO D 230 -17.73 20.13 21.43
N GLU D 231 -17.78 20.90 22.50
CA GLU D 231 -17.75 20.34 23.84
C GLU D 231 -19.11 19.74 24.21
N TYR D 232 -20.18 20.30 23.66
CA TYR D 232 -21.52 19.81 24.00
C TYR D 232 -21.80 18.34 23.68
N LEU D 233 -21.06 17.75 22.75
CA LEU D 233 -21.29 16.34 22.43
C LEU D 233 -20.88 15.46 23.61
N TYR D 234 -19.86 15.89 24.36
CA TYR D 234 -19.44 15.12 25.53
C TYR D 234 -20.53 15.22 26.60
N ASP D 235 -21.09 16.41 26.76
CA ASP D 235 -22.16 16.63 27.74
C ASP D 235 -23.35 15.71 27.42
N ALA D 236 -23.71 15.62 26.14
CA ALA D 236 -24.82 14.79 25.70
C ALA D 236 -24.62 13.31 26.07
N ALA D 237 -23.42 12.80 25.83
CA ALA D 237 -23.12 11.41 26.13
C ALA D 237 -23.20 11.18 27.64
N ILE D 238 -22.58 12.08 28.40
CA ILE D 238 -22.61 11.95 29.85
C ILE D 238 -24.06 11.93 30.35
N GLN D 239 -24.89 12.79 29.78
CA GLN D 239 -26.30 12.89 30.17
C GLN D 239 -27.09 11.60 29.92
N HIS D 240 -26.68 10.83 28.92
CA HIS D 240 -27.39 9.60 28.59
C HIS D 240 -26.84 8.31 29.19
N GLY D 241 -26.02 8.45 30.23
CA GLY D 241 -25.46 7.31 30.92
C GLY D 241 -24.45 6.39 30.26
N VAL D 242 -23.56 6.93 29.43
CA VAL D 242 -22.55 6.07 28.82
C VAL D 242 -21.52 5.76 29.90
N LYS D 243 -20.91 4.58 29.83
CA LYS D 243 -19.90 4.20 30.80
C LYS D 243 -18.51 4.44 30.22
N GLY D 244 -18.44 4.55 28.90
CA GLY D 244 -17.15 4.79 28.26
C GLY D 244 -17.28 5.59 26.98
N ILE D 245 -16.19 6.25 26.60
CA ILE D 245 -16.15 7.07 25.40
C ILE D 245 -14.87 6.83 24.61
N VAL D 246 -15.01 6.43 23.35
CA VAL D 246 -13.86 6.21 22.49
C VAL D 246 -13.71 7.47 21.63
N TYR D 247 -12.53 8.08 21.68
CA TYR D 247 -12.26 9.30 20.91
C TYR D 247 -11.43 9.01 19.66
N ALA D 248 -12.04 9.22 18.49
CA ALA D 248 -11.35 9.01 17.20
C ALA D 248 -10.63 10.32 16.93
N GLY D 249 -9.49 10.50 17.58
CA GLY D 249 -8.75 11.74 17.47
C GLY D 249 -7.88 12.06 16.28
N MET D 250 -7.47 13.33 16.25
CA MET D 250 -6.62 13.85 15.21
C MET D 250 -5.23 13.30 15.53
N GLY D 251 -4.49 12.93 14.49
CA GLY D 251 -3.15 12.38 14.70
C GLY D 251 -3.09 11.30 15.77
N ALA D 252 -2.11 11.40 16.66
CA ALA D 252 -1.93 10.43 17.74
C ALA D 252 -2.82 10.72 18.95
N GLY D 253 -4.13 10.80 18.72
CA GLY D 253 -5.06 11.06 19.80
C GLY D 253 -4.94 12.46 20.41
N SER D 254 -4.55 13.43 19.61
CA SER D 254 -4.42 14.82 20.07
C SER D 254 -5.79 15.39 20.40
N VAL D 255 -5.85 16.31 21.35
CA VAL D 255 -7.13 16.89 21.80
C VAL D 255 -7.11 18.42 21.87
N SER D 256 -8.16 19.05 21.34
CA SER D 256 -8.27 20.51 21.38
C SER D 256 -8.69 20.92 22.79
N VAL D 257 -8.65 22.23 23.06
CA VAL D 257 -9.03 22.74 24.38
C VAL D 257 -10.49 22.43 24.70
N ARG D 258 -11.35 22.40 23.69
CA ARG D 258 -12.76 22.11 23.92
C ARG D 258 -12.90 20.63 24.25
N GLY D 259 -12.10 19.80 23.60
CA GLY D 259 -12.13 18.37 23.84
C GLY D 259 -11.66 18.04 25.25
N ILE D 260 -10.62 18.74 25.70
CA ILE D 260 -10.08 18.53 27.03
C ILE D 260 -11.13 18.87 28.10
N ALA D 261 -11.83 19.97 27.91
CA ALA D 261 -12.88 20.38 28.84
C ALA D 261 -13.93 19.28 28.92
N GLY D 262 -14.34 18.76 27.76
CA GLY D 262 -15.32 17.70 27.71
C GLY D 262 -14.85 16.42 28.38
N MET D 263 -13.59 16.04 28.15
CA MET D 263 -13.06 14.82 28.75
C MET D 263 -12.95 14.93 30.27
N ARG D 264 -12.55 16.09 30.77
CA ARG D 264 -12.45 16.27 32.22
C ARG D 264 -13.80 16.07 32.91
N LYS D 265 -14.87 16.59 32.31
CA LYS D 265 -16.21 16.45 32.88
C LYS D 265 -16.61 14.98 32.94
N ALA D 266 -16.28 14.23 31.90
CA ALA D 266 -16.61 12.82 31.84
C ALA D 266 -15.89 12.03 32.92
N LEU D 267 -14.59 12.30 33.09
CA LEU D 267 -13.80 11.59 34.10
C LEU D 267 -14.30 11.83 35.52
N GLU D 268 -14.72 13.05 35.83
CA GLU D 268 -15.22 13.32 37.18
C GLU D 268 -16.57 12.67 37.41
N LYS D 269 -17.23 12.24 36.34
CA LYS D 269 -18.52 11.57 36.46
C LYS D 269 -18.32 10.05 36.41
N GLY D 270 -17.06 9.61 36.43
CA GLY D 270 -16.77 8.19 36.41
C GLY D 270 -16.77 7.52 35.03
N VAL D 271 -16.78 8.31 33.97
CA VAL D 271 -16.77 7.77 32.62
C VAL D 271 -15.32 7.46 32.22
N VAL D 272 -15.10 6.34 31.54
CA VAL D 272 -13.76 5.98 31.10
C VAL D 272 -13.51 6.53 29.69
N VAL D 273 -12.47 7.33 29.52
CA VAL D 273 -12.15 7.90 28.21
C VAL D 273 -10.98 7.17 27.55
N MET D 274 -11.19 6.73 26.31
CA MET D 274 -10.17 6.00 25.55
C MET D 274 -9.79 6.78 24.30
N ARG D 275 -8.53 7.21 24.21
CA ARG D 275 -8.08 7.97 23.04
C ARG D 275 -7.52 7.07 21.93
N SER D 276 -8.18 7.13 20.77
CA SER D 276 -7.79 6.38 19.59
C SER D 276 -7.46 7.38 18.49
N THR D 277 -7.47 6.95 17.23
CA THR D 277 -7.14 7.84 16.12
C THR D 277 -8.05 7.67 14.91
N ARG D 278 -8.29 8.79 14.22
CA ARG D 278 -9.14 8.81 13.03
C ARG D 278 -8.32 8.51 11.76
N THR D 279 -6.98 8.54 11.86
CA THR D 279 -6.11 8.33 10.70
C THR D 279 -6.30 7.01 9.95
N GLY D 280 -6.52 5.93 10.68
CA GLY D 280 -6.72 4.64 10.02
C GLY D 280 -5.70 3.56 10.35
N ASN D 281 -4.52 3.93 10.84
CA ASN D 281 -3.45 2.97 11.16
C ASN D 281 -2.50 3.53 12.22
N GLY D 282 -1.67 2.67 12.78
CA GLY D 282 -0.69 3.14 13.73
C GLY D 282 -0.95 3.05 15.22
N ILE D 283 0.08 3.43 15.97
CA ILE D 283 0.07 3.39 17.43
C ILE D 283 -0.25 4.74 18.06
N VAL D 284 -1.12 4.73 19.06
CA VAL D 284 -1.43 5.96 19.82
C VAL D 284 -0.64 5.71 21.09
N PRO D 285 0.52 6.37 21.24
CA PRO D 285 1.38 6.21 22.42
C PRO D 285 0.85 6.88 23.69
N PRO D 286 1.30 6.40 24.86
CA PRO D 286 0.83 7.01 26.11
C PRO D 286 1.42 8.41 26.29
N ASP D 287 0.68 9.27 26.98
CA ASP D 287 1.08 10.65 27.25
C ASP D 287 0.27 11.13 28.44
N GLU D 288 0.88 11.15 29.62
CA GLU D 288 0.16 11.56 30.80
C GLU D 288 -0.07 13.06 30.98
N GLU D 289 0.27 13.84 29.96
CA GLU D 289 0.02 15.28 30.04
C GLU D 289 -1.40 15.46 29.48
N LEU D 290 -1.94 14.37 28.91
CA LEU D 290 -3.29 14.37 28.35
C LEU D 290 -4.23 13.44 29.13
N PRO D 291 -5.54 13.69 29.05
CA PRO D 291 -6.59 12.93 29.73
C PRO D 291 -6.87 11.55 29.12
N GLY D 292 -7.30 10.61 29.96
CA GLY D 292 -7.67 9.28 29.48
C GLY D 292 -6.56 8.29 29.17
N LEU D 293 -6.99 7.16 28.60
CA LEU D 293 -6.10 6.08 28.22
C LEU D 293 -5.85 6.14 26.71
N VAL D 294 -4.95 5.29 26.20
CA VAL D 294 -4.63 5.25 24.78
C VAL D 294 -4.96 3.86 24.19
N SER D 295 -5.28 3.80 22.90
CA SER D 295 -5.70 2.55 22.28
C SER D 295 -4.67 1.62 21.62
N ASP D 296 -3.37 1.86 21.81
CA ASP D 296 -2.38 0.98 21.20
C ASP D 296 -2.64 1.05 19.69
N SER D 297 -2.72 -0.09 19.00
CA SER D 297 -2.97 -0.05 17.56
C SER D 297 -4.43 -0.35 17.16
N LEU D 298 -5.35 -0.33 18.12
CA LEU D 298 -6.75 -0.62 17.80
C LEU D 298 -7.43 0.62 17.20
N ASN D 299 -8.16 0.45 16.10
CA ASN D 299 -8.86 1.59 15.50
C ASN D 299 -10.13 1.87 16.32
N PRO D 300 -10.82 2.99 16.06
CA PRO D 300 -12.04 3.30 16.83
C PRO D 300 -13.05 2.18 17.01
N ALA D 301 -13.42 1.52 15.91
CA ALA D 301 -14.40 0.45 15.94
C ALA D 301 -13.94 -0.75 16.79
N HIS D 302 -12.68 -1.14 16.64
CA HIS D 302 -12.16 -2.26 17.43
C HIS D 302 -12.03 -1.84 18.91
N ALA D 303 -11.61 -0.60 19.13
CA ALA D 303 -11.45 -0.09 20.49
C ALA D 303 -12.75 -0.10 21.31
N ARG D 304 -13.86 0.31 20.70
CA ARG D 304 -15.15 0.30 21.39
C ARG D 304 -15.51 -1.10 21.88
N ILE D 305 -15.26 -2.10 21.03
CA ILE D 305 -15.56 -3.48 21.38
C ILE D 305 -14.75 -3.95 22.60
N LEU D 306 -13.44 -3.74 22.58
CA LEU D 306 -12.62 -4.16 23.72
C LEU D 306 -12.97 -3.40 25.00
N LEU D 307 -13.30 -2.11 24.87
CA LEU D 307 -13.66 -1.32 26.05
C LEU D 307 -14.95 -1.82 26.70
N MET D 308 -15.96 -2.17 25.90
CA MET D 308 -17.22 -2.69 26.45
C MET D 308 -16.97 -3.96 27.23
N LEU D 309 -16.18 -4.87 26.66
CA LEU D 309 -15.89 -6.13 27.33
C LEU D 309 -15.04 -5.90 28.57
N ALA D 310 -14.11 -4.94 28.50
CA ALA D 310 -13.25 -4.61 29.64
C ALA D 310 -14.09 -4.14 30.82
N LEU D 311 -15.14 -3.37 30.51
CA LEU D 311 -16.04 -2.83 31.52
C LEU D 311 -16.92 -3.89 32.20
N THR D 312 -16.95 -5.10 31.65
CA THR D 312 -17.73 -6.16 32.29
C THR D 312 -16.87 -6.85 33.35
N ARG D 313 -15.62 -6.42 33.46
CA ARG D 313 -14.70 -7.00 34.43
C ARG D 313 -14.27 -5.99 35.49
N THR D 314 -14.00 -4.75 35.07
CA THR D 314 -13.55 -3.71 35.99
C THR D 314 -13.62 -2.31 35.40
N SER D 315 -13.46 -1.31 36.27
CA SER D 315 -13.46 0.08 35.83
C SER D 315 -12.09 0.68 36.10
N ASP D 316 -11.18 -0.12 36.65
CA ASP D 316 -9.83 0.35 36.97
C ASP D 316 -9.06 0.73 35.71
N PRO D 317 -8.63 2.00 35.61
CA PRO D 317 -7.88 2.49 34.45
C PRO D 317 -6.58 1.74 34.12
N LYS D 318 -5.79 1.41 35.14
CA LYS D 318 -4.54 0.71 34.90
C LYS D 318 -4.77 -0.67 34.29
N VAL D 319 -5.78 -1.37 34.77
CA VAL D 319 -6.09 -2.70 34.25
C VAL D 319 -6.60 -2.61 32.80
N ILE D 320 -7.52 -1.69 32.56
CA ILE D 320 -8.07 -1.52 31.21
C ILE D 320 -6.96 -1.19 30.21
N GLN D 321 -5.98 -0.40 30.63
CA GLN D 321 -4.89 -0.03 29.75
C GLN D 321 -4.04 -1.25 29.37
N GLU D 322 -3.88 -2.18 30.30
CA GLU D 322 -3.10 -3.39 30.02
C GLU D 322 -3.84 -4.29 29.03
N TYR D 323 -5.16 -4.34 29.14
CA TYR D 323 -5.96 -5.16 28.21
C TYR D 323 -5.66 -4.65 26.79
N PHE D 324 -5.63 -3.32 26.65
CA PHE D 324 -5.40 -2.71 25.36
C PHE D 324 -4.01 -2.94 24.76
N HIS D 325 -3.05 -3.35 25.58
CA HIS D 325 -1.70 -3.64 25.08
C HIS D 325 -1.51 -5.13 24.79
N THR D 326 -2.42 -5.96 25.30
CA THR D 326 -2.31 -7.41 25.14
C THR D 326 -3.34 -8.10 24.25
N TYR D 327 -4.49 -7.46 24.02
CA TYR D 327 -5.53 -8.06 23.18
C TYR D 327 -5.66 -7.43 21.79
N GLU E . 24.80 1.04 -2.88
CA GLU E . 25.05 1.41 -1.46
C GLU E . 24.93 0.18 -0.56
O GLU E . 24.00 -0.63 -0.80
CB GLU E . 24.06 2.50 -1.02
CG GLU E . 24.33 3.08 0.37
CD GLU E . 23.61 2.34 1.48
OE1 GLU E . 22.58 1.69 1.20
OE2 GLU E . 24.06 2.42 2.64
OXT GLU E . 25.76 0.03 0.36
N GLU F . -0.47 17.73 17.70
CA GLU F . 0.73 18.42 17.16
C GLU F . 0.34 19.33 15.98
O GLU F . -0.37 18.84 15.08
CB GLU F . 1.77 17.39 16.71
CG GLU F . 3.10 17.99 16.26
CD GLU F . 3.10 18.41 14.79
OE1 GLU F . 2.42 17.76 13.98
OE2 GLU F . 3.80 19.39 14.45
OXT GLU F . 0.76 20.52 15.99
N GLU G . 0.25 -16.51 -18.89
CA GLU G . -1.14 -16.21 -19.34
C GLU G . -1.13 -14.96 -20.19
O GLU G . -0.45 -13.98 -19.79
CB GLU G . -2.05 -16.02 -18.11
CG GLU G . -3.53 -15.88 -18.44
CD GLU G . -3.97 -14.43 -18.66
OE1 GLU G . -3.36 -13.52 -18.05
OE2 GLU G . -4.92 -14.20 -19.43
OXT GLU G . -1.77 -14.97 -21.27
N GLU H . -24.55 -2.48 4.04
CA GLU H . -24.60 -3.91 3.64
C GLU H . -24.08 -4.79 4.78
O GLU H . -23.04 -4.41 5.37
CB GLU H . -23.76 -4.13 2.38
CG GLU H . -23.88 -5.53 1.77
CD GLU H . -22.88 -6.54 2.32
OE1 GLU H . -21.77 -6.13 2.72
OE2 GLU H . -23.20 -7.73 2.33
OXT GLU H . -24.72 -5.82 5.07
#